data_8VK8
#
_entry.id   8VK8
#
_cell.length_a   129.774
_cell.length_b   129.774
_cell.length_c   123.106
_cell.angle_alpha   90.00
_cell.angle_beta   90.00
_cell.angle_gamma   120.00
#
_symmetry.space_group_name_H-M   'P 31 2 1'
#
loop_
_entity.id
_entity.type
_entity.pdbx_description
1 polymer 'Ubiquitin-conjugating enzyme E2 D2'
2 polymer 'Ubiquitin variant D2.1'
#
loop_
_entity_poly.entity_id
_entity_poly.type
_entity_poly.pdbx_seq_one_letter_code
_entity_poly.pdbx_strand_id
1 'polypeptide(L)'
;GPLGSMALKRIHKELNDLARDPPAQSSAGPVGDDMFHWQATIMGPNDSPYQGGVFFLTIHFPTDYPFKPPKVAFTTRIYH
PNINSNGSICLDILRSQWSPALTISKVLLSISSLLSDPNPDDPLVPEIARIYKTDREKYNRIAREWTQKYAM
;
A,D,G
2 'polypeptide(L)'
;GPGDYKDDDDKMHIFVRTLTGTYIPLEVEPSDTIENVKAKIQDKEGIPPDQQRLIFAGNQLEDGRTLSDYNIKTGSILTL
VWSLRRLKGGGSGG
;
B,C,E,F,H
#
# COMPACT_ATOMS: atom_id res chain seq x y z
N PRO A 2 -13.06 12.33 14.11
CA PRO A 2 -12.21 12.60 12.95
C PRO A 2 -12.38 11.58 11.83
N LEU A 3 -13.12 10.51 12.12
CA LEU A 3 -13.47 9.47 11.14
C LEU A 3 -12.17 8.84 10.64
N GLY A 4 -11.87 8.87 9.34
CA GLY A 4 -10.65 8.29 8.83
C GLY A 4 -9.76 9.31 8.17
N SER A 5 -9.81 10.55 8.66
CA SER A 5 -9.00 11.62 8.09
C SER A 5 -7.52 11.36 8.27
N MET A 6 -7.14 10.68 9.36
CA MET A 6 -5.74 10.32 9.56
C MET A 6 -5.21 9.50 8.39
N ALA A 7 -6.04 8.60 7.85
CA ALA A 7 -5.66 7.86 6.66
C ALA A 7 -5.67 8.75 5.42
N LEU A 8 -6.66 9.64 5.31
CA LEU A 8 -6.78 10.49 4.11
C LEU A 8 -5.58 11.42 3.95
N LYS A 9 -5.02 11.92 5.06
CA LYS A 9 -3.81 12.73 4.96
C LYS A 9 -2.70 11.97 4.25
N ARG A 10 -2.44 10.74 4.71
CA ARG A 10 -1.41 9.91 4.11
C ARG A 10 -1.73 9.58 2.65
N ILE A 11 -3.00 9.30 2.36
CA ILE A 11 -3.39 8.95 1.00
C ILE A 11 -3.16 10.13 0.05
N HIS A 12 -3.55 11.33 0.48
CA HIS A 12 -3.32 12.51 -0.34
C HIS A 12 -1.83 12.79 -0.52
N LYS A 13 -1.03 12.60 0.54
CA LYS A 13 0.41 12.79 0.43
C LYS A 13 1.02 11.80 -0.56
N GLU A 14 0.59 10.54 -0.51
CA GLU A 14 1.08 9.55 -1.45
C GLU A 14 0.68 9.89 -2.88
N LEU A 15 -0.56 10.37 -3.07
CA LEU A 15 -0.99 10.77 -4.40
C LEU A 15 -0.13 11.92 -4.93
N ASN A 16 0.17 12.90 -4.10
CA ASN A 16 1.04 13.99 -4.51
C ASN A 16 2.43 13.48 -4.87
N ASP A 17 2.98 12.59 -4.05
CA ASP A 17 4.31 12.04 -4.34
C ASP A 17 4.31 11.28 -5.67
N LEU A 18 3.28 10.47 -5.92
CA LEU A 18 3.20 9.73 -7.17
C LEU A 18 3.06 10.66 -8.37
N ALA A 19 2.27 11.72 -8.22
CA ALA A 19 2.08 12.65 -9.32
C ALA A 19 3.35 13.42 -9.64
N ARG A 20 4.07 13.87 -8.61
CA ARG A 20 5.27 14.68 -8.86
C ARG A 20 6.38 13.85 -9.50
N ASP A 21 6.60 12.62 -9.03
CA ASP A 21 7.67 11.76 -9.52
C ASP A 21 7.15 10.34 -9.69
N PRO A 22 6.51 10.05 -10.81
CA PRO A 22 6.07 8.67 -11.07
C PRO A 22 7.22 7.83 -11.61
N PRO A 23 7.17 6.51 -11.43
CA PRO A 23 8.28 5.66 -11.87
C PRO A 23 8.42 5.55 -13.38
N ALA A 24 7.45 6.05 -14.16
CA ALA A 24 7.38 6.00 -15.62
C ALA A 24 7.19 4.57 -16.14
N GLN A 25 7.13 3.57 -15.25
CA GLN A 25 6.73 2.22 -15.60
C GLN A 25 5.45 1.80 -14.90
N SER A 26 4.79 2.75 -14.22
CA SER A 26 3.57 2.49 -13.48
C SER A 26 2.93 3.82 -13.14
N SER A 27 1.64 3.77 -12.79
CA SER A 27 0.88 4.95 -12.42
C SER A 27 -0.18 4.54 -11.41
N ALA A 28 -0.64 5.50 -10.63
CA ALA A 28 -1.67 5.24 -9.65
C ALA A 28 -2.37 6.54 -9.28
N GLY A 29 -3.67 6.43 -8.99
CA GLY A 29 -4.46 7.56 -8.59
C GLY A 29 -5.95 7.26 -8.63
N PRO A 30 -6.75 8.07 -7.94
CA PRO A 30 -8.21 7.87 -7.98
C PRO A 30 -8.79 8.37 -9.31
N VAL A 31 -9.64 7.54 -9.91
CA VAL A 31 -10.33 7.88 -11.14
C VAL A 31 -11.83 7.96 -10.95
N GLY A 32 -12.31 7.83 -9.73
CA GLY A 32 -13.74 7.84 -9.46
C GLY A 32 -14.17 8.94 -8.52
N ASP A 33 -15.01 8.59 -7.54
CA ASP A 33 -15.56 9.57 -6.61
C ASP A 33 -15.15 9.29 -5.16
N ASP A 34 -14.17 8.41 -4.94
CA ASP A 34 -13.76 8.03 -3.60
C ASP A 34 -12.24 8.04 -3.51
N MET A 35 -11.71 8.78 -2.54
CA MET A 35 -10.27 8.83 -2.33
C MET A 35 -9.71 7.50 -1.85
N PHE A 36 -10.55 6.64 -1.27
CA PHE A 36 -10.08 5.34 -0.81
C PHE A 36 -9.91 4.33 -1.93
N HIS A 37 -10.48 4.57 -3.10
CA HIS A 37 -10.42 3.65 -4.22
C HIS A 37 -9.59 4.27 -5.34
N TRP A 38 -8.44 3.67 -5.62
CA TRP A 38 -7.55 4.11 -6.68
C TRP A 38 -7.51 3.08 -7.82
N GLN A 39 -7.19 3.56 -9.02
CA GLN A 39 -6.79 2.72 -10.12
C GLN A 39 -5.29 2.88 -10.32
N ALA A 40 -4.62 1.76 -10.62
CA ALA A 40 -3.20 1.76 -10.92
C ALA A 40 -2.97 1.03 -12.23
N THR A 41 -1.89 1.38 -12.91
CA THR A 41 -1.45 0.70 -14.12
C THR A 41 0.01 0.32 -13.97
N ILE A 42 0.36 -0.85 -14.49
CA ILE A 42 1.73 -1.35 -14.45
C ILE A 42 2.13 -1.82 -15.84
N MET A 43 3.27 -1.35 -16.31
CA MET A 43 3.84 -1.83 -17.57
C MET A 43 4.58 -3.13 -17.33
N GLY A 44 4.31 -4.13 -18.17
CA GLY A 44 4.98 -5.41 -18.07
C GLY A 44 6.48 -5.29 -18.25
N PRO A 45 7.24 -5.96 -17.39
CA PRO A 45 8.71 -5.87 -17.49
C PRO A 45 9.23 -6.46 -18.78
N ASN A 46 10.39 -5.95 -19.22
CA ASN A 46 10.98 -6.42 -20.46
C ASN A 46 11.56 -7.82 -20.31
N ASP A 47 12.09 -8.16 -19.14
CA ASP A 47 12.68 -9.47 -18.89
C ASP A 47 11.64 -10.53 -18.55
N SER A 48 10.37 -10.27 -18.79
CA SER A 48 9.28 -11.17 -18.46
C SER A 48 8.43 -11.40 -19.70
N PRO A 49 7.67 -12.49 -19.75
CA PRO A 49 6.74 -12.70 -20.87
C PRO A 49 5.62 -11.68 -20.94
N TYR A 50 5.49 -10.81 -19.95
CA TYR A 50 4.45 -9.79 -19.92
C TYR A 50 4.89 -8.47 -20.56
N GLN A 51 6.02 -8.48 -21.28
CA GLN A 51 6.52 -7.26 -21.90
C GLN A 51 5.53 -6.69 -22.90
N GLY A 52 5.33 -5.38 -22.84
CA GLY A 52 4.42 -4.70 -23.73
C GLY A 52 2.97 -4.64 -23.26
N GLY A 53 2.64 -5.34 -22.19
CA GLY A 53 1.29 -5.31 -21.66
C GLY A 53 1.11 -4.24 -20.59
N VAL A 54 -0.09 -3.66 -20.56
CA VAL A 54 -0.47 -2.69 -19.55
C VAL A 54 -1.53 -3.36 -18.68
N PHE A 55 -1.19 -3.58 -17.40
CA PHE A 55 -2.06 -4.28 -16.48
C PHE A 55 -2.70 -3.28 -15.52
N PHE A 56 -4.02 -3.35 -15.41
CA PHE A 56 -4.78 -2.45 -14.53
C PHE A 56 -5.05 -3.14 -13.20
N LEU A 57 -4.95 -2.35 -12.13
CA LEU A 57 -5.14 -2.83 -10.77
C LEU A 57 -6.06 -1.86 -10.03
N THR A 58 -6.73 -2.37 -9.00
CA THR A 58 -7.57 -1.56 -8.15
C THR A 58 -7.02 -1.62 -6.72
N ILE A 59 -7.05 -0.47 -6.05
CA ILE A 59 -6.52 -0.33 -4.71
C ILE A 59 -7.64 0.20 -3.82
N HIS A 60 -7.90 -0.51 -2.72
CA HIS A 60 -8.91 -0.13 -1.74
C HIS A 60 -8.20 0.15 -0.42
N PHE A 61 -8.17 1.40 -0.01
CA PHE A 61 -7.47 1.79 1.20
C PHE A 61 -8.34 1.51 2.42
N PRO A 62 -7.80 0.92 3.48
CA PRO A 62 -8.56 0.80 4.73
C PRO A 62 -8.72 2.16 5.40
N THR A 63 -9.75 2.25 6.25
CA THR A 63 -10.08 3.51 6.91
C THR A 63 -8.98 3.97 7.86
N ASP A 64 -8.09 3.08 8.29
CA ASP A 64 -7.00 3.42 9.19
C ASP A 64 -5.64 3.20 8.51
N TYR A 65 -5.55 3.59 7.25
CA TYR A 65 -4.29 3.57 6.53
C TYR A 65 -3.30 4.55 7.18
N PRO A 66 -1.99 4.23 7.17
CA PRO A 66 -1.36 3.02 6.66
C PRO A 66 -1.10 1.95 7.72
N PHE A 67 -1.86 2.01 8.83
CA PHE A 67 -1.70 0.99 9.86
C PHE A 67 -2.13 -0.37 9.37
N LYS A 68 -3.19 -0.41 8.56
CA LYS A 68 -3.57 -1.63 7.87
C LYS A 68 -3.19 -1.55 6.40
N PRO A 69 -2.80 -2.65 5.78
CA PRO A 69 -2.39 -2.62 4.37
C PRO A 69 -3.58 -2.40 3.45
N PRO A 70 -3.34 -1.88 2.25
CA PRO A 70 -4.43 -1.73 1.28
C PRO A 70 -4.73 -3.03 0.57
N LYS A 71 -5.96 -3.13 0.08
CA LYS A 71 -6.39 -4.29 -0.71
C LYS A 71 -6.11 -4.00 -2.17
N VAL A 72 -5.10 -4.64 -2.73
CA VAL A 72 -4.68 -4.45 -4.12
C VAL A 72 -5.05 -5.69 -4.91
N ALA A 73 -5.75 -5.49 -6.03
CA ALA A 73 -6.18 -6.63 -6.84
C ALA A 73 -6.08 -6.30 -8.32
N PHE A 74 -5.63 -7.27 -9.11
CA PHE A 74 -5.59 -7.11 -10.55
C PHE A 74 -7.00 -7.07 -11.12
N THR A 75 -7.21 -6.21 -12.12
CA THR A 75 -8.43 -6.21 -12.91
C THR A 75 -8.24 -6.73 -14.32
N THR A 76 -7.03 -6.61 -14.86
CA THR A 76 -6.69 -7.25 -16.12
C THR A 76 -6.30 -8.69 -15.88
N ARG A 77 -6.86 -9.61 -16.66
CA ARG A 77 -6.51 -11.02 -16.54
C ARG A 77 -5.05 -11.23 -16.88
N ILE A 78 -4.37 -12.02 -16.05
CA ILE A 78 -2.94 -12.26 -16.18
C ILE A 78 -2.66 -13.73 -15.87
N TYR A 79 -1.70 -14.31 -16.57
CA TYR A 79 -1.29 -15.69 -16.36
C TYR A 79 -0.03 -15.67 -15.49
N HIS A 80 -0.21 -15.94 -14.19
CA HIS A 80 0.88 -15.86 -13.22
C HIS A 80 0.56 -16.82 -12.08
N PRO A 81 1.57 -17.53 -11.55
CA PRO A 81 1.28 -18.50 -10.48
C PRO A 81 0.96 -17.86 -9.14
N ASN A 82 1.13 -16.55 -8.99
CA ASN A 82 0.86 -15.86 -7.73
C ASN A 82 -0.32 -14.90 -7.83
N ILE A 83 -1.05 -14.92 -8.95
CA ILE A 83 -2.25 -14.11 -9.13
C ILE A 83 -3.34 -15.02 -9.67
N ASN A 84 -4.45 -15.10 -8.94
CA ASN A 84 -5.55 -15.98 -9.32
C ASN A 84 -6.47 -15.30 -10.33
N SER A 85 -7.49 -16.03 -10.76
CA SER A 85 -8.44 -15.51 -11.74
C SER A 85 -9.27 -14.35 -11.20
N ASN A 86 -9.25 -14.11 -9.89
CA ASN A 86 -9.96 -12.99 -9.29
C ASN A 86 -9.08 -11.78 -9.06
N GLY A 87 -7.80 -11.85 -9.45
CA GLY A 87 -6.90 -10.72 -9.32
C GLY A 87 -6.15 -10.62 -8.03
N SER A 88 -6.42 -11.49 -7.06
CA SER A 88 -5.73 -11.44 -5.78
C SER A 88 -4.24 -11.70 -5.97
N ILE A 89 -3.42 -10.99 -5.19
CA ILE A 89 -1.96 -11.06 -5.30
C ILE A 89 -1.39 -11.57 -3.98
N CYS A 90 -0.43 -12.48 -4.07
CA CYS A 90 0.28 -13.02 -2.90
C CYS A 90 1.67 -12.40 -2.87
N LEU A 91 1.89 -11.48 -1.92
CA LEU A 91 3.16 -10.76 -1.81
C LEU A 91 3.81 -10.82 -0.44
N ASP A 92 3.08 -11.22 0.60
CA ASP A 92 3.59 -11.42 1.96
C ASP A 92 3.84 -10.08 2.63
N ILE A 93 3.65 -8.98 1.92
CA ILE A 93 3.70 -7.65 2.50
C ILE A 93 2.33 -6.96 2.41
N LEU A 94 1.32 -7.66 1.91
CA LEU A 94 -0.01 -7.07 1.74
C LEU A 94 -0.99 -7.48 2.82
N ARG A 95 -0.71 -8.52 3.60
CA ARG A 95 -1.49 -8.76 4.81
C ARG A 95 -0.68 -9.18 6.04
N SER A 96 0.52 -9.75 5.87
CA SER A 96 1.24 -10.35 6.98
C SER A 96 2.41 -9.52 7.49
N GLN A 97 3.23 -8.98 6.60
CA GLN A 97 4.38 -8.18 7.00
C GLN A 97 4.24 -6.74 6.52
N TRP A 98 3.04 -6.20 6.62
CA TRP A 98 2.82 -4.80 6.31
C TRP A 98 3.22 -3.93 7.50
N SER A 99 4.00 -2.89 7.23
CA SER A 99 4.41 -1.91 8.22
C SER A 99 4.14 -0.52 7.69
N PRO A 100 3.84 0.43 8.56
CA PRO A 100 3.78 1.84 8.13
C PRO A 100 5.10 2.26 7.51
N ALA A 101 5.04 3.39 6.80
CA ALA A 101 6.10 3.93 5.94
C ALA A 101 6.31 3.08 4.69
N LEU A 102 5.50 2.05 4.46
CA LEU A 102 5.44 1.37 3.17
C LEU A 102 4.42 2.09 2.29
N THR A 103 4.86 2.51 1.12
CA THR A 103 4.03 3.31 0.23
C THR A 103 3.39 2.44 -0.85
N ILE A 104 2.38 3.02 -1.51
CA ILE A 104 1.74 2.36 -2.64
C ILE A 104 2.74 2.17 -3.77
N SER A 105 3.65 3.13 -3.94
CA SER A 105 4.69 2.99 -4.97
C SER A 105 5.54 1.76 -4.73
N LYS A 106 5.92 1.50 -3.48
CA LYS A 106 6.70 0.31 -3.18
C LYS A 106 5.89 -0.95 -3.45
N VAL A 107 4.58 -0.91 -3.19
CA VAL A 107 3.73 -2.06 -3.51
C VAL A 107 3.72 -2.32 -5.02
N LEU A 108 3.62 -1.25 -5.82
CA LEU A 108 3.67 -1.40 -7.27
C LEU A 108 5.01 -1.97 -7.72
N LEU A 109 6.11 -1.51 -7.12
CA LEU A 109 7.42 -2.03 -7.48
C LEU A 109 7.55 -3.50 -7.12
N SER A 110 7.01 -3.90 -5.96
CA SER A 110 7.03 -5.30 -5.56
C SER A 110 6.20 -6.16 -6.51
N ILE A 111 5.04 -5.64 -6.95
CA ILE A 111 4.23 -6.38 -7.91
C ILE A 111 4.95 -6.52 -9.24
N SER A 112 5.65 -5.46 -9.66
CA SER A 112 6.45 -5.54 -10.88
C SER A 112 7.54 -6.59 -10.76
N SER A 113 8.21 -6.63 -9.61
CA SER A 113 9.24 -7.64 -9.39
C SER A 113 8.64 -9.05 -9.38
N LEU A 114 7.45 -9.20 -8.80
CA LEU A 114 6.77 -10.49 -8.83
C LEU A 114 6.45 -10.91 -10.25
N LEU A 115 6.05 -9.95 -11.10
CA LEU A 115 5.86 -10.23 -12.52
C LEU A 115 7.16 -10.66 -13.17
N SER A 116 8.27 -10.01 -12.82
CA SER A 116 9.57 -10.35 -13.41
C SER A 116 10.01 -11.75 -13.02
N ASP A 117 9.88 -12.11 -11.75
CA ASP A 117 10.36 -13.40 -11.26
C ASP A 117 9.27 -14.04 -10.41
N PRO A 118 8.50 -14.97 -10.97
CA PRO A 118 7.41 -15.59 -10.21
C PRO A 118 7.90 -16.49 -9.08
N ASN A 119 6.96 -17.05 -8.31
CA ASN A 119 7.28 -17.87 -7.13
C ASN A 119 6.56 -19.21 -7.26
N PRO A 120 7.24 -20.26 -7.74
CA PRO A 120 6.58 -21.56 -7.91
C PRO A 120 6.09 -22.14 -6.59
N ASP A 121 6.98 -22.29 -5.61
CA ASP A 121 6.58 -22.69 -4.28
C ASP A 121 5.86 -21.53 -3.60
N ASP A 122 5.04 -21.87 -2.61
CA ASP A 122 4.06 -20.95 -2.03
C ASP A 122 3.21 -20.33 -3.14
N PRO A 123 2.43 -21.14 -3.85
CA PRO A 123 1.65 -20.62 -4.98
C PRO A 123 0.25 -20.18 -4.56
N LEU A 124 -0.34 -19.36 -5.42
CA LEU A 124 -1.76 -19.02 -5.32
C LEU A 124 -2.61 -19.80 -6.32
N VAL A 125 -2.05 -20.11 -7.49
CA VAL A 125 -2.70 -20.96 -8.47
C VAL A 125 -1.83 -22.21 -8.64
N PRO A 126 -2.24 -23.34 -8.06
CA PRO A 126 -1.38 -24.53 -8.11
C PRO A 126 -1.09 -25.04 -9.53
N GLU A 127 -2.07 -24.96 -10.42
CA GLU A 127 -1.87 -25.50 -11.77
C GLU A 127 -0.87 -24.69 -12.57
N ILE A 128 -0.98 -23.36 -12.52
CA ILE A 128 -0.03 -22.51 -13.23
C ILE A 128 1.37 -22.69 -12.66
N ALA A 129 1.48 -22.86 -11.33
CA ALA A 129 2.77 -23.14 -10.72
C ALA A 129 3.33 -24.47 -11.19
N ARG A 130 2.47 -25.48 -11.33
CA ARG A 130 2.91 -26.78 -11.84
C ARG A 130 3.47 -26.66 -13.24
N ILE A 131 2.74 -25.97 -14.12
CA ILE A 131 3.21 -25.78 -15.50
C ILE A 131 4.51 -24.97 -15.51
N TYR A 132 4.60 -23.96 -14.64
CA TYR A 132 5.81 -23.15 -14.56
C TYR A 132 7.01 -23.99 -14.16
N LYS A 133 6.83 -24.90 -13.19
CA LYS A 133 7.95 -25.72 -12.73
C LYS A 133 8.32 -26.80 -13.75
N THR A 134 7.34 -27.33 -14.49
CA THR A 134 7.64 -28.45 -15.37
C THR A 134 8.01 -28.04 -16.79
N ASP A 135 7.53 -26.90 -17.27
CA ASP A 135 7.82 -26.47 -18.64
C ASP A 135 7.88 -24.95 -18.68
N ARG A 136 9.09 -24.40 -18.79
CA ARG A 136 9.25 -22.96 -18.79
C ARG A 136 8.84 -22.35 -20.13
N GLU A 137 9.15 -23.02 -21.24
CA GLU A 137 8.75 -22.51 -22.55
C GLU A 137 7.23 -22.44 -22.68
N LYS A 138 6.54 -23.47 -22.20
CA LYS A 138 5.08 -23.47 -22.23
C LYS A 138 4.51 -22.32 -21.40
N TYR A 139 5.06 -22.11 -20.20
CA TYR A 139 4.59 -21.02 -19.35
C TYR A 139 4.80 -19.67 -20.02
N ASN A 140 6.00 -19.47 -20.60
CA ASN A 140 6.28 -18.19 -21.23
C ASN A 140 5.37 -17.94 -22.42
N ARG A 141 5.14 -18.97 -23.24
CA ARG A 141 4.25 -18.81 -24.39
C ARG A 141 2.83 -18.50 -23.95
N ILE A 142 2.32 -19.22 -22.93
CA ILE A 142 0.97 -18.97 -22.45
C ILE A 142 0.85 -17.56 -21.88
N ALA A 143 1.86 -17.13 -21.11
CA ALA A 143 1.83 -15.79 -20.54
C ALA A 143 1.87 -14.72 -21.63
N ARG A 144 2.66 -14.95 -22.68
CA ARG A 144 2.68 -13.99 -23.79
C ARG A 144 1.33 -13.94 -24.48
N GLU A 145 0.69 -15.10 -24.69
CA GLU A 145 -0.63 -15.12 -25.31
C GLU A 145 -1.65 -14.37 -24.47
N TRP A 146 -1.63 -14.58 -23.16
CA TRP A 146 -2.58 -13.91 -22.27
C TRP A 146 -2.30 -12.41 -22.21
N THR A 147 -1.03 -12.01 -22.22
CA THR A 147 -0.68 -10.59 -22.26
C THR A 147 -1.17 -9.94 -23.54
N GLN A 148 -1.00 -10.62 -24.68
CA GLN A 148 -1.48 -10.07 -25.95
C GLN A 148 -2.99 -10.00 -25.98
N LYS A 149 -3.67 -10.96 -25.35
CA LYS A 149 -5.13 -11.01 -25.42
C LYS A 149 -5.79 -9.98 -24.49
N TYR A 150 -5.28 -9.85 -23.25
CA TYR A 150 -5.97 -9.08 -22.24
C TYR A 150 -5.28 -7.77 -21.85
N ALA A 151 -3.98 -7.63 -22.09
CA ALA A 151 -3.24 -6.45 -21.66
C ALA A 151 -2.67 -5.64 -22.82
N MET A 152 -3.22 -5.82 -24.02
CA MET A 152 -2.74 -5.10 -25.20
C MET A 152 -3.89 -4.70 -26.11
N ASP B 9 -17.47 17.95 16.19
CA ASP B 9 -16.20 17.79 15.51
C ASP B 9 -16.30 16.73 14.41
N ASP B 10 -17.52 16.35 14.06
CA ASP B 10 -17.74 15.32 13.05
C ASP B 10 -17.65 15.93 11.65
N LYS B 11 -16.57 16.63 11.35
CA LYS B 11 -16.37 17.20 10.04
C LYS B 11 -15.78 16.16 9.10
N MET B 12 -16.25 16.18 7.85
CA MET B 12 -15.77 15.25 6.83
C MET B 12 -14.77 15.95 5.92
N HIS B 13 -13.74 15.22 5.52
CA HIS B 13 -12.69 15.73 4.66
C HIS B 13 -12.90 15.20 3.25
N ILE B 14 -13.20 16.09 2.31
CA ILE B 14 -13.48 15.72 0.93
C ILE B 14 -12.40 16.34 0.04
N PHE B 15 -12.46 15.99 -1.23
CA PHE B 15 -11.48 16.45 -2.20
C PHE B 15 -12.18 16.96 -3.46
N VAL B 16 -11.56 17.94 -4.10
CA VAL B 16 -12.04 18.51 -5.36
C VAL B 16 -10.97 18.27 -6.41
N ARG B 17 -11.30 17.48 -7.42
CA ARG B 17 -10.39 17.19 -8.53
C ARG B 17 -10.58 18.22 -9.64
N THR B 18 -9.49 18.85 -10.05
CA THR B 18 -9.50 19.78 -11.17
C THR B 18 -8.92 19.10 -12.40
N LEU B 19 -9.07 19.77 -13.55
CA LEU B 19 -8.50 19.28 -14.79
C LEU B 19 -7.01 19.49 -14.88
N THR B 20 -6.43 20.33 -14.00
CA THR B 20 -4.98 20.46 -13.94
C THR B 20 -4.32 19.22 -13.34
N GLY B 21 -5.06 18.39 -12.63
CA GLY B 21 -4.54 17.20 -12.00
C GLY B 21 -4.48 17.25 -10.48
N THR B 22 -4.66 18.43 -9.89
CA THR B 22 -4.54 18.58 -8.44
C THR B 22 -5.85 18.17 -7.74
N TYR B 23 -5.73 17.92 -6.44
CA TYR B 23 -6.87 17.63 -5.59
C TYR B 23 -6.83 18.56 -4.40
N ILE B 24 -7.85 19.40 -4.27
CA ILE B 24 -7.94 20.37 -3.18
C ILE B 24 -8.69 19.72 -2.03
N PRO B 25 -8.08 19.59 -0.86
CA PRO B 25 -8.79 19.04 0.30
C PRO B 25 -9.60 20.11 1.01
N LEU B 26 -10.82 19.73 1.42
CA LEU B 26 -11.72 20.64 2.11
C LEU B 26 -12.30 19.94 3.34
N GLU B 27 -12.23 20.61 4.48
CA GLU B 27 -12.89 20.14 5.70
C GLU B 27 -14.27 20.81 5.76
N VAL B 28 -15.33 20.01 5.62
CA VAL B 28 -16.68 20.53 5.49
C VAL B 28 -17.62 19.77 6.42
N GLU B 29 -18.85 20.28 6.53
CA GLU B 29 -19.95 19.65 7.24
C GLU B 29 -20.98 19.14 6.24
N PRO B 30 -21.72 18.08 6.58
CA PRO B 30 -22.76 17.59 5.64
C PRO B 30 -23.82 18.63 5.31
N SER B 31 -24.07 19.57 6.20
CA SER B 31 -25.10 20.58 5.98
C SER B 31 -24.60 21.77 5.17
N ASP B 32 -23.32 21.80 4.81
CA ASP B 32 -22.80 22.89 4.00
C ASP B 32 -23.43 22.88 2.61
N THR B 33 -23.76 24.07 2.11
CA THR B 33 -24.37 24.20 0.80
C THR B 33 -23.32 24.07 -0.30
N ILE B 34 -23.80 23.80 -1.51
CA ILE B 34 -22.89 23.71 -2.65
C ILE B 34 -22.20 25.04 -2.91
N GLU B 35 -22.95 26.14 -2.74
CA GLU B 35 -22.35 27.46 -2.90
C GLU B 35 -21.28 27.74 -1.86
N ASN B 36 -21.45 27.22 -0.64
CA ASN B 36 -20.40 27.33 0.38
C ASN B 36 -19.13 26.61 -0.07
N VAL B 37 -19.28 25.42 -0.66
CA VAL B 37 -18.12 24.69 -1.17
C VAL B 37 -17.46 25.46 -2.31
N LYS B 38 -18.27 26.07 -3.18
CA LYS B 38 -17.73 26.90 -4.25
C LYS B 38 -16.98 28.11 -3.69
N ALA B 39 -17.49 28.71 -2.62
CA ALA B 39 -16.79 29.81 -1.98
C ALA B 39 -15.45 29.35 -1.41
N LYS B 40 -15.42 28.17 -0.79
CA LYS B 40 -14.15 27.61 -0.31
C LYS B 40 -13.19 27.36 -1.47
N ILE B 41 -13.71 26.88 -2.60
CA ILE B 41 -12.88 26.65 -3.78
C ILE B 41 -12.31 27.98 -4.28
N GLN B 42 -13.13 29.03 -4.28
CA GLN B 42 -12.63 30.35 -4.68
C GLN B 42 -11.54 30.83 -3.73
N ASP B 43 -11.73 30.61 -2.44
CA ASP B 43 -10.74 31.06 -1.45
C ASP B 43 -9.42 30.32 -1.64
N LYS B 44 -9.48 29.01 -1.91
CA LYS B 44 -8.25 28.22 -1.98
C LYS B 44 -7.55 28.33 -3.32
N GLU B 45 -8.32 28.38 -4.42
CA GLU B 45 -7.77 28.32 -5.77
C GLU B 45 -8.03 29.56 -6.61
N GLY B 46 -8.99 30.42 -6.23
CA GLY B 46 -9.23 31.66 -6.93
C GLY B 46 -10.30 31.62 -8.00
N ILE B 47 -10.79 30.44 -8.39
CA ILE B 47 -11.79 30.35 -9.45
C ILE B 47 -13.09 31.00 -8.96
N PRO B 48 -13.69 31.91 -9.72
CA PRO B 48 -14.95 32.53 -9.30
C PRO B 48 -16.05 31.49 -9.14
N PRO B 49 -16.92 31.66 -8.14
CA PRO B 49 -18.00 30.66 -7.93
C PRO B 49 -18.93 30.52 -9.13
N ASP B 50 -19.22 31.61 -9.83
CA ASP B 50 -20.15 31.55 -10.96
C ASP B 50 -19.56 30.84 -12.18
N GLN B 51 -18.27 30.49 -12.15
CA GLN B 51 -17.64 29.74 -13.23
C GLN B 51 -17.28 28.32 -12.81
N GLN B 52 -17.80 27.85 -11.69
CA GLN B 52 -17.55 26.49 -11.21
C GLN B 52 -18.76 25.62 -11.50
N ARG B 53 -18.51 24.39 -11.95
CA ARG B 53 -19.55 23.37 -12.05
C ARG B 53 -19.03 22.10 -11.38
N LEU B 54 -19.74 21.67 -10.33
CA LEU B 54 -19.31 20.55 -9.52
C LEU B 54 -20.12 19.31 -9.88
N ILE B 55 -19.42 18.19 -10.09
CA ILE B 55 -20.03 16.93 -10.48
C ILE B 55 -19.65 15.87 -9.45
N PHE B 56 -20.65 15.11 -8.99
CA PHE B 56 -20.41 14.02 -8.06
C PHE B 56 -21.43 12.93 -8.32
N ALA B 57 -20.94 11.70 -8.52
CA ALA B 57 -21.79 10.54 -8.82
C ALA B 57 -22.66 10.77 -10.05
N GLY B 58 -22.13 11.51 -11.03
CA GLY B 58 -22.87 11.76 -12.25
C GLY B 58 -24.01 12.75 -12.12
N ASN B 59 -23.95 13.65 -11.14
CA ASN B 59 -24.96 14.68 -10.96
C ASN B 59 -24.30 16.04 -10.89
N GLN B 60 -24.94 17.03 -11.52
CA GLN B 60 -24.48 18.41 -11.44
C GLN B 60 -25.04 19.02 -10.16
N LEU B 61 -24.15 19.35 -9.23
CA LEU B 61 -24.56 19.79 -7.89
C LEU B 61 -25.19 21.18 -7.98
N GLU B 62 -26.49 21.24 -7.74
CA GLU B 62 -27.22 22.50 -7.83
C GLU B 62 -27.03 23.34 -6.57
N ASP B 63 -27.04 24.65 -6.75
CA ASP B 63 -26.96 25.57 -5.63
C ASP B 63 -28.19 25.44 -4.74
N GLY B 64 -28.00 25.76 -3.46
CA GLY B 64 -29.05 25.66 -2.47
C GLY B 64 -29.16 24.31 -1.81
N ARG B 65 -28.79 23.24 -2.51
CA ARG B 65 -28.76 21.93 -1.90
C ARG B 65 -27.45 21.72 -1.13
N THR B 66 -27.45 20.72 -0.26
CA THR B 66 -26.33 20.44 0.61
C THR B 66 -25.60 19.18 0.16
N LEU B 67 -24.40 18.99 0.73
CA LEU B 67 -23.60 17.80 0.41
C LEU B 67 -24.33 16.53 0.82
N SER B 68 -25.00 16.55 1.98
CA SER B 68 -25.73 15.38 2.45
C SER B 68 -26.83 14.97 1.48
N ASP B 69 -27.38 15.93 0.74
CA ASP B 69 -28.41 15.62 -0.25
C ASP B 69 -27.86 14.81 -1.43
N TYR B 70 -26.54 14.79 -1.61
CA TYR B 70 -25.92 14.01 -2.66
C TYR B 70 -25.13 12.82 -2.12
N ASN B 71 -25.31 12.48 -0.84
CA ASN B 71 -24.58 11.40 -0.19
C ASN B 71 -23.06 11.60 -0.30
N ILE B 72 -22.63 12.84 -0.12
CA ILE B 72 -21.20 13.17 -0.10
C ILE B 72 -20.68 12.88 1.30
N LYS B 73 -19.69 12.01 1.40
CA LYS B 73 -19.16 11.55 2.68
C LYS B 73 -17.66 11.79 2.72
N THR B 74 -17.04 11.35 3.82
CA THR B 74 -15.61 11.49 3.99
C THR B 74 -14.86 10.78 2.87
N GLY B 75 -13.91 11.49 2.26
CA GLY B 75 -13.15 10.94 1.15
C GLY B 75 -13.81 11.05 -0.20
N SER B 76 -14.94 11.74 -0.30
CA SER B 76 -15.59 11.92 -1.60
C SER B 76 -14.78 12.86 -2.47
N ILE B 77 -14.78 12.58 -3.78
CA ILE B 77 -14.05 13.37 -4.76
C ILE B 77 -15.06 14.00 -5.71
N LEU B 78 -15.06 15.32 -5.77
CA LEU B 78 -15.96 16.08 -6.62
C LEU B 78 -15.18 16.66 -7.79
N THR B 79 -15.65 16.42 -9.01
CA THR B 79 -14.96 16.90 -10.20
C THR B 79 -15.40 18.33 -10.50
N LEU B 80 -14.43 19.22 -10.64
CA LEU B 80 -14.69 20.64 -10.87
C LEU B 80 -14.44 20.97 -12.34
N VAL B 81 -15.44 21.58 -12.98
CA VAL B 81 -15.34 22.05 -14.35
C VAL B 81 -15.30 23.58 -14.32
N TRP B 82 -14.29 24.14 -14.97
CA TRP B 82 -14.06 25.58 -15.03
C TRP B 82 -14.54 26.04 -16.40
N SER B 83 -15.81 26.42 -16.48
CA SER B 83 -16.48 26.69 -17.75
C SER B 83 -17.09 28.08 -17.76
N LEU B 84 -17.47 28.51 -18.96
CA LEU B 84 -18.16 29.79 -19.19
C LEU B 84 -17.28 30.98 -18.80
N ARG B 85 -16.03 30.95 -19.26
CA ARG B 85 -15.13 32.10 -19.08
C ARG B 85 -13.97 32.02 -20.05
N MET C 12 -23.61 14.55 -21.76
CA MET C 12 -22.92 15.04 -20.56
C MET C 12 -21.47 15.38 -20.86
N HIS C 13 -20.68 15.51 -19.80
CA HIS C 13 -19.25 15.79 -19.90
C HIS C 13 -18.47 14.63 -19.33
N ILE C 14 -17.56 14.07 -20.12
CA ILE C 14 -16.67 13.01 -19.67
C ILE C 14 -15.23 13.50 -19.78
N PHE C 15 -14.33 12.78 -19.13
CA PHE C 15 -12.93 13.15 -19.05
C PHE C 15 -12.07 11.94 -19.37
N VAL C 16 -11.05 12.14 -20.19
CA VAL C 16 -10.13 11.09 -20.60
C VAL C 16 -8.76 11.43 -20.04
N ARG C 17 -8.22 10.56 -19.19
CA ARG C 17 -6.92 10.73 -18.58
C ARG C 17 -5.91 9.81 -19.27
N THR C 18 -4.80 10.39 -19.70
CA THR C 18 -3.68 9.58 -20.15
C THR C 18 -2.86 9.11 -18.95
N LEU C 19 -1.97 8.14 -19.18
CA LEU C 19 -1.12 7.66 -18.09
C LEU C 19 -0.16 8.73 -17.59
N THR C 20 0.12 9.75 -18.40
CA THR C 20 0.94 10.87 -17.96
C THR C 20 0.22 11.83 -17.04
N GLY C 21 -1.10 11.68 -16.88
CA GLY C 21 -1.87 12.51 -15.97
C GLY C 21 -2.68 13.61 -16.62
N THR C 22 -2.44 13.91 -17.88
CA THR C 22 -3.17 14.98 -18.56
C THR C 22 -4.63 14.60 -18.77
N TYR C 23 -5.49 15.61 -18.73
CA TYR C 23 -6.93 15.42 -18.85
C TYR C 23 -7.45 16.02 -20.16
N ILE C 24 -8.38 15.32 -20.79
CA ILE C 24 -9.04 15.77 -22.01
C ILE C 24 -10.55 15.74 -21.77
N PRO C 25 -11.22 16.89 -21.71
CA PRO C 25 -12.68 16.89 -21.50
C PRO C 25 -13.43 16.84 -22.82
N LEU C 26 -14.47 16.00 -22.85
CA LEU C 26 -15.30 15.81 -24.03
C LEU C 26 -16.77 16.01 -23.67
N GLU C 27 -17.50 16.66 -24.57
CA GLU C 27 -18.94 16.82 -24.45
C GLU C 27 -19.59 15.70 -25.25
N VAL C 28 -20.19 14.73 -24.56
CA VAL C 28 -20.77 13.55 -25.17
C VAL C 28 -22.20 13.37 -24.67
N GLU C 29 -22.86 12.37 -25.20
CA GLU C 29 -24.19 11.92 -24.78
C GLU C 29 -24.15 10.41 -24.62
N PRO C 30 -25.05 9.84 -23.83
CA PRO C 30 -25.07 8.37 -23.68
C PRO C 30 -25.33 7.64 -24.99
N SER C 31 -25.97 8.29 -25.96
CA SER C 31 -26.20 7.64 -27.25
C SER C 31 -24.92 7.48 -28.06
N ASP C 32 -23.90 8.30 -27.79
CA ASP C 32 -22.65 8.18 -28.52
C ASP C 32 -22.01 6.83 -28.26
N THR C 33 -21.66 6.12 -29.33
CA THR C 33 -20.83 4.94 -29.20
C THR C 33 -19.39 5.38 -28.98
N ILE C 34 -18.49 4.40 -28.79
CA ILE C 34 -17.14 4.76 -28.38
C ILE C 34 -16.15 4.88 -29.53
N GLU C 35 -16.54 4.55 -30.77
CA GLU C 35 -15.61 4.72 -31.88
C GLU C 35 -15.60 6.15 -32.39
N ASN C 36 -16.77 6.81 -32.43
CA ASN C 36 -16.74 8.24 -32.73
C ASN C 36 -16.25 9.05 -31.54
N VAL C 37 -16.32 8.49 -30.33
CA VAL C 37 -15.61 9.09 -29.19
C VAL C 37 -14.10 8.96 -29.39
N LYS C 38 -13.63 7.80 -29.82
CA LYS C 38 -12.23 7.63 -30.19
C LYS C 38 -11.82 8.67 -31.23
N ALA C 39 -12.66 8.87 -32.24
CA ALA C 39 -12.39 9.91 -33.24
C ALA C 39 -12.43 11.30 -32.63
N LYS C 40 -13.24 11.50 -31.60
CA LYS C 40 -13.26 12.78 -30.90
C LYS C 40 -11.94 13.05 -30.20
N ILE C 41 -11.33 12.00 -29.61
CA ILE C 41 -10.00 12.13 -29.03
C ILE C 41 -8.95 12.37 -30.12
N GLN C 42 -9.24 11.97 -31.36
CA GLN C 42 -8.24 12.07 -32.43
C GLN C 42 -7.88 13.52 -32.72
N ASP C 43 -8.88 14.40 -32.82
CA ASP C 43 -8.66 15.79 -33.19
C ASP C 43 -8.57 16.72 -31.99
N LYS C 44 -8.07 16.21 -30.86
CA LYS C 44 -7.78 17.03 -29.69
C LYS C 44 -6.30 17.11 -29.36
N GLU C 45 -5.58 15.98 -29.42
CA GLU C 45 -4.14 15.98 -29.24
C GLU C 45 -3.38 15.31 -30.38
N GLY C 46 -4.05 14.60 -31.29
CA GLY C 46 -3.40 14.07 -32.48
C GLY C 46 -3.26 12.57 -32.52
N ILE C 47 -3.80 11.83 -31.55
CA ILE C 47 -3.65 10.37 -31.54
C ILE C 47 -4.65 9.76 -32.52
N PRO C 48 -4.18 9.03 -33.54
CA PRO C 48 -5.12 8.38 -34.46
C PRO C 48 -5.90 7.30 -33.74
N PRO C 49 -7.13 7.01 -34.19
CA PRO C 49 -7.94 5.98 -33.52
C PRO C 49 -7.33 4.60 -33.52
N ASP C 50 -6.42 4.30 -34.45
CA ASP C 50 -5.86 2.95 -34.54
C ASP C 50 -4.84 2.67 -33.44
N GLN C 51 -4.41 3.67 -32.68
CA GLN C 51 -3.38 3.49 -31.66
C GLN C 51 -3.86 3.99 -30.30
N GLN C 52 -5.17 3.97 -30.05
CA GLN C 52 -5.69 4.34 -28.74
C GLN C 52 -6.57 3.23 -28.19
N ARG C 53 -6.40 2.95 -26.90
CA ARG C 53 -7.25 2.02 -26.16
C ARG C 53 -7.99 2.79 -25.08
N LEU C 54 -9.31 2.61 -25.04
CA LEU C 54 -10.16 3.24 -24.03
C LEU C 54 -10.51 2.23 -22.96
N ILE C 55 -10.24 2.58 -21.70
CA ILE C 55 -10.50 1.70 -20.57
C ILE C 55 -11.39 2.46 -19.57
N PHE C 56 -12.44 1.80 -19.10
CA PHE C 56 -13.28 2.38 -18.06
C PHE C 56 -13.47 1.35 -16.95
N ALA C 57 -13.21 1.77 -15.71
CA ALA C 57 -13.32 0.90 -14.54
C ALA C 57 -12.42 -0.32 -14.64
N GLY C 58 -11.32 -0.20 -15.39
CA GLY C 58 -10.39 -1.30 -15.56
C GLY C 58 -10.75 -2.29 -16.65
N ASN C 59 -11.79 -2.04 -17.43
CA ASN C 59 -12.21 -2.93 -18.50
C ASN C 59 -12.00 -2.24 -19.83
N GLN C 60 -11.40 -2.97 -20.78
CA GLN C 60 -11.23 -2.43 -22.13
C GLN C 60 -12.59 -2.29 -22.81
N LEU C 61 -12.75 -1.20 -23.55
CA LEU C 61 -14.00 -0.88 -24.21
C LEU C 61 -13.85 -1.16 -25.70
N GLU C 62 -14.74 -2.01 -26.24
CA GLU C 62 -14.75 -2.33 -27.65
C GLU C 62 -15.84 -1.56 -28.35
N ASP C 63 -15.51 -0.95 -29.50
CA ASP C 63 -16.43 -0.09 -30.24
C ASP C 63 -17.74 -0.78 -30.62
N ARG C 65 -19.98 -1.36 -28.41
CA ARG C 65 -21.05 -0.85 -27.55
C ARG C 65 -21.03 0.67 -27.46
N THR C 66 -22.08 1.24 -26.87
CA THR C 66 -22.19 2.68 -26.67
C THR C 66 -21.93 3.02 -25.21
N LEU C 67 -21.85 4.33 -24.94
CA LEU C 67 -21.52 4.81 -23.60
C LEU C 67 -22.57 4.40 -22.56
N SER C 68 -23.83 4.20 -22.99
CA SER C 68 -24.89 3.91 -22.04
C SER C 68 -24.71 2.55 -21.38
N ASP C 69 -24.27 1.55 -22.15
CA ASP C 69 -24.19 0.19 -21.62
C ASP C 69 -23.03 0.03 -20.64
N TYR C 70 -21.97 0.82 -20.80
CA TYR C 70 -20.87 0.80 -19.85
C TYR C 70 -21.13 1.67 -18.63
N ASN C 71 -22.32 2.29 -18.55
CA ASN C 71 -22.71 3.14 -17.42
C ASN C 71 -21.73 4.30 -17.24
N ILE C 72 -21.51 5.04 -18.32
CA ILE C 72 -20.67 6.23 -18.30
C ILE C 72 -21.58 7.44 -18.14
N LYS C 73 -21.35 8.22 -17.09
CA LYS C 73 -22.19 9.36 -16.73
C LYS C 73 -21.36 10.64 -16.76
N THR C 74 -21.97 11.73 -16.31
CA THR C 74 -21.25 13.00 -16.20
C THR C 74 -20.09 12.85 -15.21
N GLY C 75 -18.93 13.39 -15.58
CA GLY C 75 -17.76 13.30 -14.74
C GLY C 75 -17.00 12.00 -14.82
N SER C 76 -17.44 11.05 -15.64
CA SER C 76 -16.75 9.77 -15.75
C SER C 76 -15.35 9.97 -16.32
N ILE C 77 -14.40 9.19 -15.81
CA ILE C 77 -13.01 9.27 -16.23
C ILE C 77 -12.65 7.96 -16.93
N LEU C 78 -12.08 8.09 -18.13
CA LEU C 78 -11.67 6.97 -18.96
C LEU C 78 -10.18 7.06 -19.21
N THR C 79 -9.47 5.94 -18.99
CA THR C 79 -8.04 5.89 -19.20
C THR C 79 -7.73 5.65 -20.66
N LEU C 80 -6.80 6.43 -21.21
CA LEU C 80 -6.35 6.33 -22.58
C LEU C 80 -4.97 5.68 -22.59
N VAL C 81 -4.82 4.62 -23.37
CA VAL C 81 -3.56 3.89 -23.48
C VAL C 81 -3.07 3.96 -24.92
N TRP C 82 -1.81 4.35 -25.10
CA TRP C 82 -1.24 4.45 -26.43
C TRP C 82 -1.04 3.08 -27.10
N SER C 83 -1.11 2.00 -26.33
CA SER C 83 -0.92 0.64 -26.84
C SER C 83 0.42 0.49 -27.55
N MET D 6 -14.94 -33.19 5.60
CA MET D 6 -15.44 -31.82 5.48
C MET D 6 -14.88 -30.94 6.60
N ALA D 7 -14.44 -29.74 6.21
CA ALA D 7 -13.92 -28.79 7.20
C ALA D 7 -15.02 -28.31 8.15
N LEU D 8 -16.26 -28.16 7.64
CA LEU D 8 -17.34 -27.67 8.48
C LEU D 8 -17.69 -28.64 9.60
N LYS D 9 -17.52 -29.95 9.39
CA LYS D 9 -17.72 -30.89 10.48
C LYS D 9 -16.73 -30.64 11.60
N ARG D 10 -15.45 -30.42 11.27
CA ARG D 10 -14.46 -30.11 12.28
C ARG D 10 -14.76 -28.78 12.96
N ILE D 11 -15.25 -27.80 12.19
CA ILE D 11 -15.61 -26.50 12.77
C ILE D 11 -16.74 -26.66 13.78
N HIS D 12 -17.77 -27.42 13.41
CA HIS D 12 -18.89 -27.65 14.32
C HIS D 12 -18.44 -28.43 15.56
N LYS D 13 -17.55 -29.40 15.39
CA LYS D 13 -17.01 -30.12 16.53
C LYS D 13 -16.27 -29.18 17.47
N GLU D 14 -15.44 -28.29 16.91
CA GLU D 14 -14.70 -27.34 17.74
C GLU D 14 -15.66 -26.39 18.47
N LEU D 15 -16.71 -25.92 17.79
CA LEU D 15 -17.67 -25.03 18.44
C LEU D 15 -18.40 -25.74 19.58
N ASN D 16 -18.83 -26.98 19.35
CA ASN D 16 -19.50 -27.74 20.40
C ASN D 16 -18.58 -27.98 21.58
N ASP D 17 -17.31 -28.30 21.31
CA ASP D 17 -16.34 -28.50 22.38
C ASP D 17 -16.11 -27.20 23.15
N LEU D 18 -16.04 -26.07 22.44
CA LEU D 18 -15.90 -24.78 23.11
C LEU D 18 -17.12 -24.46 23.97
N ALA D 19 -18.29 -24.96 23.57
CA ALA D 19 -19.50 -24.69 24.36
C ALA D 19 -19.43 -25.38 25.72
N ARG D 20 -19.01 -26.64 25.77
CA ARG D 20 -19.15 -27.43 26.99
C ARG D 20 -18.03 -27.18 28.00
N ASP D 21 -16.92 -26.57 27.60
CA ASP D 21 -15.88 -26.15 28.55
C ASP D 21 -15.11 -24.98 27.97
N PRO D 22 -15.66 -23.77 28.07
CA PRO D 22 -14.96 -22.58 27.56
C PRO D 22 -13.70 -22.30 28.35
N PRO D 23 -12.76 -21.54 27.78
CA PRO D 23 -11.52 -21.24 28.52
C PRO D 23 -11.74 -20.43 29.79
N ALA D 24 -12.91 -19.79 29.95
CA ALA D 24 -13.30 -19.06 31.15
C ALA D 24 -12.54 -17.75 31.28
N GLN D 25 -11.58 -17.52 30.39
CA GLN D 25 -10.98 -16.21 30.20
C GLN D 25 -10.88 -15.88 28.72
N SER D 26 -11.48 -16.69 27.87
CA SER D 26 -11.49 -16.47 26.42
C SER D 26 -12.78 -17.05 25.88
N SER D 27 -13.17 -16.57 24.69
CA SER D 27 -14.35 -17.11 24.03
C SER D 27 -14.16 -16.98 22.53
N ALA D 28 -14.88 -17.82 21.78
CA ALA D 28 -14.82 -17.78 20.33
C ALA D 28 -16.11 -18.35 19.77
N GLY D 29 -16.50 -17.86 18.60
CA GLY D 29 -17.69 -18.35 17.93
C GLY D 29 -18.16 -17.40 16.85
N PRO D 30 -19.06 -17.89 16.00
CA PRO D 30 -19.55 -17.04 14.88
C PRO D 30 -20.60 -16.06 15.37
N VAL D 31 -20.30 -14.76 15.25
CA VAL D 31 -21.25 -13.71 15.58
C VAL D 31 -21.91 -13.11 14.34
N GLY D 32 -21.39 -13.39 13.16
CA GLY D 32 -21.95 -12.83 11.94
C GLY D 32 -22.91 -13.76 11.23
N ASP D 33 -22.59 -14.11 9.99
CA ASP D 33 -23.47 -14.91 9.14
C ASP D 33 -22.74 -16.05 8.45
N ASP D 34 -21.48 -16.32 8.79
CA ASP D 34 -20.69 -17.32 8.10
C ASP D 34 -19.93 -18.16 9.11
N MET D 35 -20.08 -19.48 9.03
CA MET D 35 -19.40 -20.37 9.97
C MET D 35 -17.90 -20.41 9.73
N PHE D 36 -17.42 -19.97 8.56
CA PHE D 36 -15.99 -19.87 8.32
C PHE D 36 -15.35 -18.70 9.04
N HIS D 37 -16.16 -17.73 9.50
CA HIS D 37 -15.64 -16.54 10.17
C HIS D 37 -16.13 -16.52 11.60
N TRP D 38 -15.21 -16.43 12.55
CA TRP D 38 -15.52 -16.39 13.97
C TRP D 38 -14.96 -15.11 14.59
N GLN D 39 -15.60 -14.69 15.67
CA GLN D 39 -15.09 -13.63 16.54
C GLN D 39 -14.65 -14.26 17.85
N ALA D 40 -13.54 -13.75 18.40
CA ALA D 40 -13.00 -14.26 19.65
C ALA D 40 -12.67 -13.09 20.58
N THR D 41 -12.75 -13.37 21.87
CA THR D 41 -12.39 -12.43 22.92
C THR D 41 -11.33 -13.05 23.81
N ILE D 42 -10.26 -12.30 24.05
CA ILE D 42 -9.20 -12.67 24.98
C ILE D 42 -9.19 -11.68 26.13
N MET D 43 -9.30 -12.18 27.35
CA MET D 43 -9.12 -11.35 28.53
C MET D 43 -7.63 -11.12 28.75
N GLY D 44 -7.27 -9.85 28.96
CA GLY D 44 -5.90 -9.49 29.25
C GLY D 44 -5.40 -10.18 30.50
N PRO D 45 -4.23 -10.83 30.41
CA PRO D 45 -3.68 -11.54 31.56
C PRO D 45 -3.46 -10.60 32.74
N ASN D 46 -3.72 -11.13 33.95
CA ASN D 46 -3.61 -10.31 35.15
C ASN D 46 -2.16 -9.94 35.45
N ASP D 47 -1.23 -10.85 35.20
CA ASP D 47 0.18 -10.59 35.47
C ASP D 47 0.86 -9.76 34.37
N SER D 48 0.09 -9.21 33.46
CA SER D 48 0.59 -8.44 32.34
C SER D 48 0.02 -7.03 32.36
N PRO D 49 0.68 -6.06 31.73
CA PRO D 49 0.12 -4.70 31.65
C PRO D 49 -1.20 -4.64 30.89
N TYR D 50 -1.62 -5.72 30.24
CA TYR D 50 -2.90 -5.79 29.55
C TYR D 50 -4.03 -6.18 30.48
N GLN D 51 -3.82 -6.12 31.80
CA GLN D 51 -4.82 -6.55 32.76
C GLN D 51 -6.08 -5.70 32.65
N GLY D 52 -7.24 -6.37 32.72
CA GLY D 52 -8.53 -5.71 32.66
C GLY D 52 -9.05 -5.44 31.27
N GLY D 53 -8.23 -5.61 30.23
CA GLY D 53 -8.69 -5.37 28.89
C GLY D 53 -9.42 -6.55 28.28
N VAL D 54 -10.23 -6.25 27.27
CA VAL D 54 -10.89 -7.25 26.45
C VAL D 54 -10.46 -7.03 25.00
N PHE D 55 -9.78 -8.02 24.42
CA PHE D 55 -9.22 -7.90 23.09
C PHE D 55 -10.02 -8.76 22.12
N PHE D 56 -10.42 -8.15 21.00
CA PHE D 56 -11.25 -8.82 20.01
C PHE D 56 -10.40 -9.25 18.82
N LEU D 57 -10.58 -10.51 18.40
CA LEU D 57 -9.85 -11.06 17.28
C LEU D 57 -10.83 -11.67 16.29
N THR D 58 -10.43 -11.68 15.02
CA THR D 58 -11.18 -12.33 13.97
C THR D 58 -10.46 -13.62 13.56
N ILE D 59 -11.24 -14.63 13.19
CA ILE D 59 -10.70 -15.91 12.77
C ILE D 59 -11.34 -16.29 11.45
N HIS D 60 -10.52 -16.41 10.41
CA HIS D 60 -10.95 -16.85 9.08
C HIS D 60 -10.38 -18.23 8.86
N PHE D 61 -11.23 -19.24 8.93
CA PHE D 61 -10.79 -20.61 8.73
C PHE D 61 -10.58 -20.88 7.24
N PRO D 62 -9.47 -21.51 6.85
CA PRO D 62 -9.33 -21.92 5.45
C PRO D 62 -10.30 -23.04 5.11
N THR D 63 -10.68 -23.11 3.83
CA THR D 63 -11.66 -24.11 3.41
C THR D 63 -11.15 -25.54 3.61
N ASP D 64 -9.83 -25.73 3.57
CA ASP D 64 -9.24 -27.04 3.82
C ASP D 64 -8.84 -27.19 5.30
N TYR D 65 -9.81 -26.97 6.20
CA TYR D 65 -9.58 -27.16 7.62
C TYR D 65 -9.79 -28.64 7.99
N PRO D 66 -9.01 -29.17 8.96
CA PRO D 66 -7.95 -28.53 9.75
C PRO D 66 -6.55 -28.68 9.16
N PHE D 67 -6.45 -28.89 7.85
CA PHE D 67 -5.16 -29.14 7.22
C PHE D 67 -4.31 -27.88 7.09
N LYS D 68 -4.91 -26.70 7.18
CA LYS D 68 -4.18 -25.45 7.10
C LYS D 68 -4.55 -24.55 8.27
N PRO D 69 -3.61 -23.73 8.75
CA PRO D 69 -3.92 -22.86 9.88
C PRO D 69 -4.87 -21.74 9.47
N PRO D 70 -5.64 -21.19 10.41
CA PRO D 70 -6.52 -20.07 10.10
C PRO D 70 -5.84 -18.73 10.34
N LYS D 71 -6.45 -17.69 9.75
CA LYS D 71 -6.04 -16.32 10.02
C LYS D 71 -6.69 -15.86 11.33
N VAL D 72 -5.87 -15.50 12.31
CA VAL D 72 -6.37 -15.22 13.66
C VAL D 72 -5.99 -13.80 14.06
N ALA D 73 -5.88 -12.90 13.06
CA ALA D 73 -5.36 -11.56 13.30
C ALA D 73 -6.19 -10.81 14.34
N PHE D 74 -5.51 -9.97 15.11
CA PHE D 74 -6.17 -9.11 16.09
C PHE D 74 -7.03 -8.06 15.38
N THR D 75 -8.10 -7.65 16.07
CA THR D 75 -8.87 -6.48 15.66
C THR D 75 -8.73 -5.32 16.62
N THR D 76 -8.55 -5.58 17.91
CA THR D 76 -8.29 -4.53 18.89
C THR D 76 -6.82 -4.18 18.89
N ARG D 77 -6.53 -2.87 18.90
CA ARG D 77 -5.15 -2.41 18.93
C ARG D 77 -4.45 -2.87 20.19
N ILE D 78 -3.22 -3.34 20.05
CA ILE D 78 -2.45 -3.87 21.16
C ILE D 78 -1.03 -3.31 21.10
N TYR D 79 -0.41 -3.21 22.26
CA TYR D 79 0.98 -2.77 22.39
C TYR D 79 1.80 -3.99 22.74
N HIS D 80 2.40 -4.61 21.72
CA HIS D 80 3.06 -5.90 21.88
C HIS D 80 4.08 -6.10 20.76
N PRO D 81 5.29 -6.56 21.07
CA PRO D 81 6.32 -6.70 20.02
C PRO D 81 5.99 -7.77 19.00
N ASN D 82 5.08 -8.70 19.29
CA ASN D 82 4.78 -9.80 18.40
C ASN D 82 3.54 -9.57 17.54
N ILE D 83 2.81 -8.48 17.76
CA ILE D 83 1.64 -8.16 16.97
C ILE D 83 1.84 -6.78 16.35
N ASN D 84 1.70 -6.70 15.03
CA ASN D 84 2.03 -5.49 14.29
C ASN D 84 0.82 -4.57 14.20
N SER D 85 0.92 -3.54 13.36
CA SER D 85 -0.11 -2.51 13.30
C SER D 85 -1.45 -3.05 12.82
N ASN D 86 -1.45 -3.99 11.88
CA ASN D 86 -2.69 -4.49 11.32
C ASN D 86 -3.23 -5.71 12.06
N GLY D 87 -2.55 -6.15 13.12
CA GLY D 87 -3.09 -7.16 14.01
C GLY D 87 -2.57 -8.57 13.82
N SER D 88 -1.64 -8.79 12.89
CA SER D 88 -1.09 -10.12 12.67
C SER D 88 -0.22 -10.53 13.85
N ILE D 89 -0.34 -11.79 14.26
CA ILE D 89 0.40 -12.34 15.39
C ILE D 89 1.49 -13.26 14.87
N CYS D 90 2.63 -13.25 15.55
CA CYS D 90 3.79 -14.07 15.17
C CYS D 90 3.76 -15.36 15.98
N LEU D 91 3.05 -16.36 15.46
CA LEU D 91 3.00 -17.69 16.05
C LEU D 91 3.40 -18.72 15.01
N ASP D 92 4.37 -19.57 15.36
CA ASP D 92 4.80 -20.61 14.43
C ASP D 92 3.69 -21.62 14.17
N ILE D 93 2.78 -21.82 15.14
CA ILE D 93 1.63 -22.69 14.90
C ILE D 93 0.70 -22.10 13.86
N LEU D 94 0.71 -20.77 13.68
CA LEU D 94 -0.09 -20.15 12.64
C LEU D 94 0.63 -20.05 11.31
N ARG D 95 1.97 -20.07 11.30
CA ARG D 95 2.73 -19.90 10.07
C ARG D 95 3.16 -21.23 9.44
N SER D 96 3.95 -22.03 10.16
CA SER D 96 4.57 -23.21 9.54
C SER D 96 4.30 -24.47 10.33
N GLN D 97 4.28 -24.38 11.66
CA GLN D 97 4.18 -25.55 12.51
C GLN D 97 2.75 -25.90 12.89
N TRP D 98 1.78 -25.55 12.04
CA TRP D 98 0.40 -25.94 12.29
C TRP D 98 0.24 -27.46 12.23
N SER D 99 -0.62 -27.97 13.11
CA SER D 99 -0.94 -29.38 13.13
C SER D 99 -2.45 -29.55 13.15
N PRO D 100 -2.98 -30.57 12.47
CA PRO D 100 -4.45 -30.76 12.44
C PRO D 100 -5.05 -31.03 13.80
N ALA D 101 -4.27 -31.51 14.77
CA ALA D 101 -4.81 -31.77 16.10
C ALA D 101 -5.06 -30.48 16.87
N LEU D 102 -4.47 -29.37 16.45
CA LEU D 102 -4.66 -28.10 17.14
C LEU D 102 -6.10 -27.62 17.00
N THR D 103 -6.55 -26.87 18.00
CA THR D 103 -7.90 -26.33 18.06
C THR D 103 -7.83 -24.82 18.31
N ILE D 104 -8.98 -24.16 18.13
CA ILE D 104 -9.04 -22.72 18.33
C ILE D 104 -8.72 -22.37 19.78
N SER D 105 -9.19 -23.19 20.73
CA SER D 105 -8.92 -22.94 22.13
C SER D 105 -7.42 -22.95 22.42
N LYS D 106 -6.68 -23.87 21.78
CA LYS D 106 -5.23 -23.90 21.95
C LYS D 106 -4.57 -22.64 21.39
N VAL D 107 -5.08 -22.13 20.26
CA VAL D 107 -4.56 -20.89 19.71
C VAL D 107 -4.83 -19.73 20.66
N LEU D 108 -6.02 -19.71 21.27
CA LEU D 108 -6.33 -18.68 22.26
C LEU D 108 -5.42 -18.77 23.47
N LEU D 109 -5.12 -19.99 23.92
CA LEU D 109 -4.17 -20.17 25.01
C LEU D 109 -2.78 -19.64 24.62
N SER D 110 -2.35 -19.92 23.39
CA SER D 110 -1.06 -19.41 22.93
C SER D 110 -1.04 -17.89 22.92
N ILE D 111 -2.13 -17.27 22.45
CA ILE D 111 -2.19 -15.81 22.42
C ILE D 111 -2.18 -15.23 23.82
N SER D 112 -2.92 -15.85 24.74
CA SER D 112 -2.93 -15.39 26.13
C SER D 112 -1.53 -15.49 26.75
N SER D 113 -0.84 -16.60 26.52
CA SER D 113 0.52 -16.77 27.04
C SER D 113 1.47 -15.74 26.44
N LEU D 114 1.36 -15.51 25.13
CA LEU D 114 2.21 -14.52 24.47
C LEU D 114 1.97 -13.13 25.05
N LEU D 115 0.72 -12.81 25.38
CA LEU D 115 0.44 -11.56 26.09
C LEU D 115 1.07 -11.56 27.48
N SER D 116 1.02 -12.69 28.17
CA SER D 116 1.60 -12.76 29.52
C SER D 116 3.11 -12.57 29.48
N ASP D 117 3.81 -13.33 28.64
CA ASP D 117 5.25 -13.19 28.47
C ASP D 117 5.57 -13.17 26.98
N PRO D 118 5.91 -12.02 26.41
CA PRO D 118 6.19 -11.95 24.96
C PRO D 118 7.51 -12.58 24.59
N ASN D 119 7.81 -12.62 23.29
CA ASN D 119 9.05 -13.18 22.76
C ASN D 119 9.77 -12.09 21.99
N PRO D 120 10.65 -11.33 22.64
CA PRO D 120 11.33 -10.21 21.95
C PRO D 120 12.36 -10.67 20.92
N ASP D 121 12.79 -11.94 20.96
CA ASP D 121 13.77 -12.41 20.00
C ASP D 121 13.18 -12.65 18.62
N ASP D 122 11.86 -12.75 18.51
CA ASP D 122 11.16 -12.92 17.23
C ASP D 122 10.06 -11.87 17.12
N PRO D 123 10.42 -10.62 16.91
CA PRO D 123 9.41 -9.55 16.86
C PRO D 123 8.89 -9.28 15.46
N LEU D 124 7.76 -8.57 15.42
CA LEU D 124 7.23 -8.01 14.19
C LEU D 124 7.47 -6.52 14.07
N VAL D 125 7.43 -5.79 15.20
CA VAL D 125 7.79 -4.38 15.23
C VAL D 125 9.01 -4.23 16.14
N PRO D 126 10.20 -4.01 15.56
CA PRO D 126 11.42 -4.00 16.38
C PRO D 126 11.48 -2.90 17.43
N GLU D 127 10.70 -1.82 17.29
CA GLU D 127 10.73 -0.76 18.28
C GLU D 127 10.26 -1.26 19.64
N ILE D 128 9.12 -1.96 19.66
CA ILE D 128 8.59 -2.49 20.92
C ILE D 128 9.56 -3.51 21.51
N ALA D 129 10.20 -4.31 20.65
CA ALA D 129 11.20 -5.26 21.13
C ALA D 129 12.39 -4.54 21.77
N ARG D 130 12.84 -3.45 21.15
CA ARG D 130 13.95 -2.68 21.72
C ARG D 130 13.56 -2.14 23.10
N ILE D 131 12.37 -1.56 23.20
CA ILE D 131 11.94 -0.99 24.48
C ILE D 131 11.81 -2.09 25.53
N TYR D 132 11.23 -3.23 25.14
CA TYR D 132 11.06 -4.34 26.08
C TYR D 132 12.39 -4.89 26.56
N LYS D 133 13.36 -5.03 25.66
CA LYS D 133 14.66 -5.59 26.05
C LYS D 133 15.48 -4.59 26.86
N THR D 134 15.32 -3.30 26.62
CA THR D 134 16.16 -2.33 27.31
C THR D 134 15.61 -1.98 28.69
N ASP D 135 14.30 -1.82 28.82
CA ASP D 135 13.72 -1.45 30.11
C ASP D 135 12.26 -1.87 30.13
N ARG D 136 11.87 -2.57 31.20
CA ARG D 136 10.49 -3.04 31.31
C ARG D 136 9.52 -1.93 31.69
N GLU D 137 9.98 -0.91 32.41
CA GLU D 137 9.06 0.07 33.01
C GLU D 137 8.36 0.92 31.95
N LYS D 138 9.14 1.52 31.05
CA LYS D 138 8.53 2.39 30.03
C LYS D 138 7.61 1.59 29.12
N TYR D 139 8.05 0.42 28.68
CA TYR D 139 7.19 -0.44 27.87
C TYR D 139 5.91 -0.80 28.60
N ASN D 140 6.02 -1.12 29.90
CA ASN D 140 4.84 -1.44 30.69
C ASN D 140 3.89 -0.26 30.76
N ARG D 141 4.41 0.94 30.96
CA ARG D 141 3.55 2.12 31.03
C ARG D 141 2.84 2.37 29.71
N ILE D 142 3.57 2.28 28.60
CA ILE D 142 2.95 2.54 27.30
C ILE D 142 1.93 1.44 26.94
N ALA D 143 2.24 0.19 27.29
CA ALA D 143 1.28 -0.89 27.08
C ALA D 143 0.03 -0.69 27.91
N ARG D 144 0.20 -0.25 29.17
CA ARG D 144 -0.95 0.06 30.01
C ARG D 144 -1.80 1.17 29.39
N GLU D 145 -1.15 2.21 28.87
CA GLU D 145 -1.88 3.27 28.19
C GLU D 145 -2.64 2.75 26.98
N TRP D 146 -2.02 1.87 26.20
CA TRP D 146 -2.66 1.36 24.99
C TRP D 146 -3.85 0.46 25.33
N THR D 147 -3.75 -0.31 26.41
CA THR D 147 -4.90 -1.09 26.85
C THR D 147 -5.97 -0.17 27.45
N GLN D 148 -5.56 0.96 28.01
CA GLN D 148 -6.52 1.94 28.51
C GLN D 148 -7.30 2.58 27.36
N LYS D 149 -6.64 2.80 26.23
CA LYS D 149 -7.26 3.51 25.11
C LYS D 149 -8.20 2.61 24.32
N TYR D 150 -7.66 1.51 23.77
CA TYR D 150 -8.40 0.70 22.82
C TYR D 150 -9.08 -0.51 23.46
N ALA D 151 -8.54 -1.04 24.54
CA ALA D 151 -9.13 -2.21 25.18
C ALA D 151 -10.00 -1.87 26.39
N MET D 152 -9.81 -0.71 26.99
CA MET D 152 -10.64 -0.29 28.12
C MET D 152 -11.24 1.08 27.87
N ASP E 10 -28.89 -33.93 -0.15
CA ASP E 10 -27.80 -33.41 0.68
C ASP E 10 -26.60 -33.03 -0.19
N LYS E 11 -26.49 -31.74 -0.51
CA LYS E 11 -25.39 -31.24 -1.33
C LYS E 11 -24.69 -30.09 -0.64
N MET E 12 -25.43 -29.35 0.19
CA MET E 12 -24.92 -28.16 0.87
C MET E 12 -25.18 -28.29 2.37
N HIS E 13 -24.26 -27.73 3.16
CA HIS E 13 -24.32 -27.80 4.61
C HIS E 13 -24.64 -26.42 5.17
N ILE E 14 -25.73 -26.32 5.93
CA ILE E 14 -26.23 -25.05 6.45
C ILE E 14 -26.41 -25.18 7.96
N PHE E 15 -26.32 -24.05 8.65
CA PHE E 15 -26.41 -24.00 10.10
C PHE E 15 -27.43 -22.96 10.53
N VAL E 16 -28.24 -23.32 11.52
CA VAL E 16 -29.26 -22.44 12.08
C VAL E 16 -28.86 -22.10 13.51
N ARG E 17 -28.62 -20.83 13.78
CA ARG E 17 -28.23 -20.36 15.11
C ARG E 17 -29.47 -20.06 15.93
N THR E 18 -29.59 -20.72 17.08
CA THR E 18 -30.69 -20.49 18.01
C THR E 18 -30.24 -19.55 19.12
N LEU E 19 -31.22 -18.93 19.77
CA LEU E 19 -30.91 -18.02 20.86
C LEU E 19 -30.47 -18.75 22.13
N THR E 20 -30.55 -20.07 22.16
CA THR E 20 -30.09 -20.85 23.29
C THR E 20 -28.60 -21.16 23.24
N GLY E 21 -27.94 -20.88 22.11
CA GLY E 21 -26.51 -21.08 21.96
C GLY E 21 -26.12 -22.19 21.01
N THR E 22 -27.01 -23.15 20.75
CA THR E 22 -26.67 -24.27 19.90
C THR E 22 -26.87 -23.91 18.43
N TYR E 23 -26.20 -24.67 17.56
CA TYR E 23 -26.27 -24.48 16.12
C TYR E 23 -26.79 -25.77 15.49
N ILE E 24 -27.99 -25.71 14.93
CA ILE E 24 -28.62 -26.89 14.32
C ILE E 24 -28.01 -27.09 12.93
N PRO E 25 -27.49 -28.28 12.62
CA PRO E 25 -26.98 -28.56 11.27
C PRO E 25 -28.05 -29.17 10.37
N LEU E 26 -28.01 -28.77 9.10
CA LEU E 26 -28.93 -29.30 8.10
C LEU E 26 -28.20 -29.48 6.78
N GLU E 27 -28.45 -30.60 6.13
CA GLU E 27 -27.94 -30.83 4.78
C GLU E 27 -29.09 -30.65 3.80
N VAL E 28 -28.95 -29.68 2.90
CA VAL E 28 -30.03 -29.26 2.01
C VAL E 28 -29.49 -29.15 0.59
N GLU E 29 -30.37 -28.78 -0.33
CA GLU E 29 -30.04 -28.54 -1.72
C GLU E 29 -30.29 -27.08 -2.07
N PRO E 30 -29.91 -26.61 -3.26
CA PRO E 30 -30.27 -25.23 -3.65
C PRO E 30 -31.73 -25.07 -4.03
N SER E 31 -32.45 -26.15 -4.32
CA SER E 31 -33.78 -26.06 -4.90
C SER E 31 -34.91 -26.06 -3.88
N ASP E 32 -34.66 -26.44 -2.63
CA ASP E 32 -35.72 -26.51 -1.64
C ASP E 32 -36.06 -25.14 -1.09
N THR E 33 -37.32 -24.95 -0.72
CA THR E 33 -37.80 -23.66 -0.27
C THR E 33 -37.76 -23.56 1.25
N ILE E 34 -38.05 -22.35 1.75
CA ILE E 34 -37.96 -22.09 3.19
C ILE E 34 -38.97 -22.93 3.96
N GLU E 35 -40.08 -23.34 3.32
CA GLU E 35 -41.00 -24.24 3.99
C GLU E 35 -40.34 -25.57 4.30
N ASN E 36 -39.53 -26.09 3.37
CA ASN E 36 -38.80 -27.32 3.62
C ASN E 36 -37.76 -27.13 4.71
N VAL E 37 -37.13 -25.95 4.77
CA VAL E 37 -36.19 -25.66 5.84
C VAL E 37 -36.90 -25.64 7.20
N LYS E 38 -38.10 -25.05 7.23
CA LYS E 38 -38.90 -25.08 8.45
C LYS E 38 -39.24 -26.51 8.85
N ALA E 39 -39.59 -27.35 7.87
CA ALA E 39 -39.88 -28.75 8.16
C ALA E 39 -38.66 -29.47 8.70
N LYS E 40 -37.48 -29.19 8.16
CA LYS E 40 -36.25 -29.78 8.66
C LYS E 40 -35.93 -29.30 10.07
N ILE E 41 -36.20 -28.02 10.35
CA ILE E 41 -36.07 -27.51 11.71
C ILE E 41 -37.00 -28.28 12.64
N GLN E 42 -38.24 -28.47 12.21
CA GLN E 42 -39.21 -29.26 12.97
C GLN E 42 -38.66 -30.65 13.28
N ASP E 43 -38.13 -31.32 12.25
CA ASP E 43 -37.54 -32.64 12.45
C ASP E 43 -36.43 -32.59 13.50
N LYS E 44 -35.49 -31.66 13.34
CA LYS E 44 -34.38 -31.56 14.30
C LYS E 44 -34.87 -31.13 15.67
N GLU E 45 -35.69 -30.09 15.74
CA GLU E 45 -36.21 -29.58 17.01
C GLU E 45 -37.65 -29.14 16.82
N GLY E 46 -38.50 -29.49 17.78
CA GLY E 46 -39.93 -29.52 17.59
C GLY E 46 -40.66 -28.24 17.21
N ILE E 47 -39.95 -27.13 17.08
CA ILE E 47 -40.58 -25.84 16.82
C ILE E 47 -41.32 -25.86 15.49
N PRO E 48 -42.61 -25.57 15.47
CA PRO E 48 -43.39 -25.62 14.22
C PRO E 48 -43.10 -24.41 13.34
N PRO E 49 -43.47 -24.45 12.05
CA PRO E 49 -43.02 -23.41 11.13
C PRO E 49 -43.61 -22.04 11.42
N ASP E 50 -44.88 -22.00 11.85
CA ASP E 50 -45.53 -20.73 12.16
C ASP E 50 -44.89 -20.03 13.34
N GLN E 51 -44.06 -20.72 14.12
CA GLN E 51 -43.37 -20.14 15.26
C GLN E 51 -41.89 -19.87 14.97
N GLN E 52 -41.48 -19.93 13.72
CA GLN E 52 -40.07 -19.75 13.34
C GLN E 52 -39.89 -18.48 12.53
N ARG E 53 -38.90 -17.67 12.90
CA ARG E 53 -38.43 -16.55 12.09
C ARG E 53 -36.98 -16.80 11.75
N LEU E 54 -36.66 -16.83 10.46
CA LEU E 54 -35.29 -16.99 10.01
C LEU E 54 -34.79 -15.67 9.43
N ILE E 55 -33.60 -15.27 9.84
CA ILE E 55 -32.99 -14.01 9.41
C ILE E 55 -31.62 -14.31 8.83
N PHE E 56 -31.30 -13.68 7.70
CA PHE E 56 -30.01 -13.85 7.05
C PHE E 56 -29.71 -12.59 6.24
N ALA E 57 -28.50 -12.04 6.45
CA ALA E 57 -28.04 -10.85 5.73
C ALA E 57 -29.01 -9.67 5.90
N GLY E 58 -29.54 -9.53 7.11
CA GLY E 58 -30.46 -8.45 7.40
C GLY E 58 -31.79 -8.56 6.69
N ASN E 59 -32.12 -9.73 6.15
CA ASN E 59 -33.38 -9.95 5.43
C ASN E 59 -34.09 -11.15 6.03
N GLN E 60 -35.36 -10.97 6.38
CA GLN E 60 -36.17 -12.09 6.87
C GLN E 60 -36.60 -12.97 5.72
N LEU E 61 -36.51 -14.28 5.92
CA LEU E 61 -36.78 -15.26 4.87
C LEU E 61 -38.25 -15.64 4.89
N GLU E 62 -38.93 -15.45 3.77
CA GLU E 62 -40.34 -15.81 3.63
C GLU E 62 -40.45 -17.27 3.19
N ASP E 63 -41.61 -17.87 3.50
CA ASP E 63 -41.82 -19.29 3.20
C ASP E 63 -41.78 -19.57 1.71
N GLY E 64 -42.34 -18.67 0.90
CA GLY E 64 -42.51 -18.95 -0.52
C GLY E 64 -41.21 -19.10 -1.29
N ARG E 65 -40.18 -18.34 -0.93
CA ARG E 65 -38.97 -18.25 -1.72
C ARG E 65 -37.98 -19.33 -1.31
N THR E 66 -37.29 -19.91 -2.30
CA THR E 66 -36.27 -20.90 -2.01
C THR E 66 -34.95 -20.23 -1.66
N LEU E 67 -34.05 -21.02 -1.06
CA LEU E 67 -32.79 -20.46 -0.58
C LEU E 67 -31.91 -19.94 -1.70
N SER E 68 -32.06 -20.49 -2.92
CA SER E 68 -31.21 -20.07 -4.02
C SER E 68 -31.41 -18.60 -4.36
N ASP E 69 -32.61 -18.06 -4.12
CA ASP E 69 -32.83 -16.63 -4.34
C ASP E 69 -32.13 -15.77 -3.30
N TYR E 70 -31.86 -16.31 -2.11
CA TYR E 70 -31.30 -15.53 -1.02
C TYR E 70 -29.78 -15.51 -1.01
N ASN E 71 -29.14 -16.06 -2.04
CA ASN E 71 -27.69 -15.99 -2.20
C ASN E 71 -26.97 -16.59 -0.99
N ILE E 72 -27.21 -17.88 -0.77
CA ILE E 72 -26.65 -18.59 0.37
C ILE E 72 -25.64 -19.61 -0.14
N LYS E 73 -24.60 -19.82 0.67
CA LYS E 73 -23.55 -20.79 0.38
C LYS E 73 -23.44 -21.74 1.57
N THR E 74 -22.60 -22.77 1.43
CA THR E 74 -22.32 -23.65 2.55
C THR E 74 -21.60 -22.88 3.65
N GLY E 75 -21.88 -23.25 4.89
CA GLY E 75 -21.30 -22.56 6.03
C GLY E 75 -22.02 -21.30 6.44
N SER E 76 -23.09 -20.92 5.74
CA SER E 76 -23.87 -19.77 6.16
C SER E 76 -24.64 -20.09 7.43
N ILE E 77 -25.06 -19.04 8.12
CA ILE E 77 -25.75 -19.17 9.41
C ILE E 77 -27.04 -18.37 9.34
N LEU E 78 -28.15 -19.02 9.63
CA LEU E 78 -29.46 -18.39 9.64
C LEU E 78 -29.92 -18.25 11.08
N THR E 79 -30.24 -17.03 11.50
CA THR E 79 -30.66 -16.79 12.87
C THR E 79 -32.13 -17.17 13.04
N LEU E 80 -32.43 -17.87 14.14
CA LEU E 80 -33.76 -18.40 14.40
C LEU E 80 -34.36 -17.71 15.63
N VAL E 81 -35.55 -17.15 15.45
CA VAL E 81 -36.32 -16.54 16.53
C VAL E 81 -37.59 -17.36 16.72
N TRP E 82 -37.83 -17.79 17.96
CA TRP E 82 -39.03 -18.54 18.31
C TRP E 82 -40.03 -17.60 18.96
N SER E 83 -41.22 -17.50 18.35
CA SER E 83 -42.27 -16.62 18.85
C SER E 83 -43.61 -17.32 18.65
N LEU E 84 -44.65 -16.72 19.22
CA LEU E 84 -46.01 -17.27 19.11
C LEU E 84 -46.73 -16.55 17.97
N ARG E 85 -46.37 -16.93 16.74
CA ARG E 85 -46.93 -16.35 15.53
C ARG E 85 -46.84 -14.82 15.51
N ILE F 14 -31.83 -6.64 15.50
CA ILE F 14 -30.59 -6.44 16.24
C ILE F 14 -30.57 -7.32 17.49
N PHE F 15 -29.46 -8.02 17.71
CA PHE F 15 -29.28 -8.89 18.85
C PHE F 15 -28.00 -8.50 19.59
N VAL F 16 -28.02 -8.72 20.90
CA VAL F 16 -26.85 -8.43 21.75
C VAL F 16 -26.38 -9.74 22.36
N ARG F 17 -25.15 -10.12 22.05
CA ARG F 17 -24.50 -11.26 22.68
C ARG F 17 -23.68 -10.79 23.87
N THR F 18 -23.66 -11.59 24.92
CA THR F 18 -22.85 -11.33 26.09
C THR F 18 -21.67 -12.31 26.12
N LEU F 19 -20.65 -11.95 26.90
CA LEU F 19 -19.47 -12.80 27.01
C LEU F 19 -19.81 -14.16 27.63
N THR F 20 -20.93 -14.26 28.35
CA THR F 20 -21.37 -15.53 28.91
C THR F 20 -22.01 -16.44 27.86
N GLY F 21 -22.39 -15.89 26.71
CA GLY F 21 -22.93 -16.69 25.63
C GLY F 21 -24.42 -16.53 25.36
N THR F 22 -25.10 -15.60 26.04
CA THR F 22 -26.54 -15.43 25.91
C THR F 22 -26.87 -14.33 24.93
N TYR F 23 -27.87 -14.57 24.09
CA TYR F 23 -28.38 -13.59 23.14
C TYR F 23 -29.63 -12.93 23.71
N ILE F 24 -29.75 -11.62 23.53
CA ILE F 24 -30.97 -10.91 23.87
C ILE F 24 -31.44 -10.12 22.65
N PRO F 25 -32.73 -10.18 22.31
CA PRO F 25 -33.22 -9.50 21.11
C PRO F 25 -33.68 -8.09 21.37
N LEU F 26 -33.44 -7.22 20.37
CA LEU F 26 -33.87 -5.83 20.40
C LEU F 26 -34.64 -5.53 19.14
N GLU F 27 -35.79 -4.86 19.30
CA GLU F 27 -36.53 -4.37 18.14
C GLU F 27 -35.74 -3.25 17.48
N VAL F 28 -35.46 -3.40 16.18
CA VAL F 28 -34.46 -2.59 15.51
C VAL F 28 -35.14 -1.44 14.79
N GLU F 29 -34.69 -0.22 15.09
CA GLU F 29 -35.03 0.95 14.29
C GLU F 29 -33.77 1.39 13.55
N PRO F 30 -33.75 1.34 12.21
CA PRO F 30 -32.55 1.75 11.48
C PRO F 30 -32.16 3.20 11.79
N SER F 31 -30.90 3.52 11.48
CA SER F 31 -30.28 4.79 11.83
C SER F 31 -30.11 4.90 13.35
N ASP F 32 -30.95 5.70 14.00
CA ASP F 32 -30.95 5.86 15.46
C ASP F 32 -29.57 6.41 15.88
N THR F 33 -29.04 5.97 17.00
CA THR F 33 -27.67 6.21 17.43
C THR F 33 -27.32 5.05 18.37
N ILE F 34 -26.24 5.19 19.14
CA ILE F 34 -25.87 4.14 20.08
C ILE F 34 -26.05 4.53 21.53
N GLU F 35 -26.12 5.82 21.87
CA GLU F 35 -26.48 6.20 23.22
C GLU F 35 -27.92 5.78 23.53
N ASN F 36 -28.82 5.96 22.56
CA ASN F 36 -30.22 5.57 22.78
C ASN F 36 -30.37 4.06 22.87
N VAL F 37 -29.60 3.30 22.08
CA VAL F 37 -29.69 1.85 22.22
C VAL F 37 -29.01 1.39 23.51
N LYS F 38 -28.03 2.14 24.01
CA LYS F 38 -27.52 1.88 25.36
C LYS F 38 -28.63 2.06 26.39
N ALA F 39 -29.40 3.14 26.26
CA ALA F 39 -30.56 3.33 27.13
C ALA F 39 -31.57 2.21 26.96
N LYS F 40 -31.74 1.71 25.74
CA LYS F 40 -32.68 0.62 25.47
C LYS F 40 -32.24 -0.67 26.16
N ILE F 41 -30.96 -1.02 26.05
CA ILE F 41 -30.45 -2.20 26.77
C ILE F 41 -30.27 -1.92 28.24
N GLN F 42 -30.48 -0.68 28.70
CA GLN F 42 -30.44 -0.41 30.12
C GLN F 42 -31.65 -1.00 30.84
N ASP F 43 -32.84 -0.87 30.27
CA ASP F 43 -34.05 -1.33 30.96
C ASP F 43 -34.01 -2.84 31.18
N LYS F 44 -33.45 -3.58 30.23
CA LYS F 44 -33.28 -5.03 30.37
C LYS F 44 -31.92 -5.31 30.99
N GLU F 45 -31.92 -6.03 32.13
CA GLU F 45 -30.77 -6.46 32.89
C GLU F 45 -30.09 -5.32 33.67
N GLY F 46 -30.55 -4.09 33.52
CA GLY F 46 -30.13 -3.01 34.40
C GLY F 46 -28.76 -2.43 34.17
N ILE F 47 -28.15 -2.66 33.01
CA ILE F 47 -26.80 -2.14 32.75
C ILE F 47 -26.88 -0.65 32.45
N PRO F 48 -26.16 0.19 33.18
CA PRO F 48 -26.25 1.64 32.96
C PRO F 48 -25.51 2.06 31.70
N PRO F 49 -25.81 3.24 31.16
CA PRO F 49 -25.10 3.70 29.95
C PRO F 49 -23.65 4.01 30.25
N ASP F 50 -22.82 3.89 29.21
CA ASP F 50 -21.38 4.16 29.21
C ASP F 50 -20.59 3.14 30.00
N GLN F 51 -21.25 2.18 30.65
CA GLN F 51 -20.58 1.02 31.24
C GLN F 51 -20.75 -0.23 30.39
N GLN F 52 -21.67 -0.20 29.42
CA GLN F 52 -21.83 -1.27 28.44
C GLN F 52 -21.17 -0.83 27.14
N ARG F 53 -20.23 -1.64 26.65
CA ARG F 53 -19.48 -1.32 25.43
C ARG F 53 -19.96 -2.22 24.30
N LEU F 54 -20.67 -1.63 23.34
CA LEU F 54 -21.16 -2.38 22.19
C LEU F 54 -20.05 -2.54 21.17
N ILE F 55 -19.82 -3.77 20.73
CA ILE F 55 -18.78 -4.10 19.77
C ILE F 55 -19.43 -4.68 18.53
N PHE F 56 -19.11 -4.12 17.36
CA PHE F 56 -19.56 -4.64 16.08
C PHE F 56 -18.36 -4.77 15.16
N ALA F 57 -18.17 -5.96 14.59
CA ALA F 57 -17.04 -6.26 13.72
C ALA F 57 -15.70 -5.97 14.40
N GLY F 58 -15.65 -6.11 15.73
CA GLY F 58 -14.42 -5.91 16.46
C GLY F 58 -13.99 -4.47 16.62
N ASN F 59 -14.90 -3.53 16.41
CA ASN F 59 -14.60 -2.11 16.52
C ASN F 59 -15.47 -1.47 17.60
N GLN F 60 -14.85 -0.62 18.42
CA GLN F 60 -15.56 0.04 19.50
C GLN F 60 -16.38 1.21 18.96
N LEU F 61 -17.61 1.33 19.44
CA LEU F 61 -18.56 2.30 18.94
C LEU F 61 -18.46 3.62 19.71
N GLU F 62 -18.55 4.73 18.98
CA GLU F 62 -18.41 6.07 19.54
C GLU F 62 -19.79 6.70 19.71
N ASP F 63 -20.07 7.20 20.92
CA ASP F 63 -21.43 7.56 21.31
C ASP F 63 -22.06 8.58 20.37
N GLY F 64 -21.23 9.39 19.69
CA GLY F 64 -21.77 10.36 18.77
C GLY F 64 -22.16 9.84 17.41
N ARG F 65 -21.99 8.54 17.15
CA ARG F 65 -22.28 7.95 15.87
C ARG F 65 -23.66 7.29 15.88
N THR F 66 -24.05 6.75 14.73
CA THR F 66 -25.34 6.10 14.56
C THR F 66 -25.14 4.73 13.94
N LEU F 67 -26.16 3.88 14.08
CA LEU F 67 -26.05 2.50 13.61
C LEU F 67 -25.82 2.43 12.10
N SER F 68 -26.29 3.43 11.34
CA SER F 68 -26.14 3.38 9.90
C SER F 68 -24.67 3.46 9.48
N ASP F 69 -23.85 4.24 10.21
CA ASP F 69 -22.45 4.38 9.83
C ASP F 69 -21.72 3.04 9.88
N TYR F 70 -22.01 2.22 10.89
CA TYR F 70 -21.32 0.95 11.06
C TYR F 70 -21.95 -0.18 10.24
N ASN F 71 -23.00 0.12 9.46
CA ASN F 71 -23.70 -0.87 8.64
C ASN F 71 -24.25 -2.01 9.50
N ILE F 72 -25.10 -1.64 10.44
CA ILE F 72 -25.73 -2.57 11.36
C ILE F 72 -27.14 -2.86 10.87
N LYS F 73 -27.44 -4.12 10.62
CA LYS F 73 -28.71 -4.54 10.04
C LYS F 73 -29.58 -5.20 11.10
N THR F 74 -30.74 -5.69 10.65
CA THR F 74 -31.72 -6.27 11.56
C THR F 74 -31.19 -7.53 12.24
N GLY F 75 -30.44 -8.34 11.50
CA GLY F 75 -29.91 -9.58 12.03
C GLY F 75 -28.53 -9.50 12.64
N SER F 76 -27.97 -8.30 12.78
CA SER F 76 -26.62 -8.16 13.32
C SER F 76 -26.58 -8.51 14.80
N ILE F 77 -25.38 -8.87 15.26
CA ILE F 77 -25.13 -9.23 16.65
C ILE F 77 -24.00 -8.35 17.17
N LEU F 78 -24.22 -7.76 18.35
CA LEU F 78 -23.25 -6.86 18.96
C LEU F 78 -22.85 -7.38 20.34
N THR F 79 -21.57 -7.28 20.66
CA THR F 79 -21.05 -7.79 21.93
C THR F 79 -21.11 -6.71 23.00
N LEU F 80 -21.50 -7.11 24.21
CA LEU F 80 -21.77 -6.17 25.30
C LEU F 80 -20.53 -5.85 26.13
N VAL F 81 -19.64 -6.82 26.33
CA VAL F 81 -18.37 -6.63 27.02
C VAL F 81 -18.57 -6.17 28.46
N TRP F 82 -19.12 -4.96 28.63
CA TRP F 82 -19.22 -4.25 29.91
C TRP F 82 -17.83 -3.89 30.44
N PRO G 2 28.91 14.96 14.81
CA PRO G 2 30.20 14.28 15.02
C PRO G 2 30.87 13.87 13.71
N LEU G 3 32.16 13.51 13.79
CA LEU G 3 32.94 13.11 12.63
C LEU G 3 32.90 14.18 11.55
N GLY G 4 32.20 13.91 10.47
CA GLY G 4 32.03 14.88 9.39
C GLY G 4 30.60 14.91 8.89
N SER G 5 29.65 14.67 9.80
CA SER G 5 28.26 14.42 9.43
C SER G 5 27.69 15.52 8.55
N MET G 6 28.06 16.78 8.82
CA MET G 6 27.56 17.88 8.01
C MET G 6 28.02 17.75 6.56
N ALA G 7 29.28 17.36 6.35
CA ALA G 7 29.76 17.11 5.00
C ALA G 7 28.97 15.98 4.33
N LEU G 8 28.67 14.93 5.08
CA LEU G 8 27.89 13.82 4.52
C LEU G 8 26.49 14.28 4.12
N LYS G 9 25.83 15.10 4.94
CA LYS G 9 24.51 15.61 4.59
C LYS G 9 24.58 16.49 3.34
N ARG G 10 25.58 17.37 3.27
CA ARG G 10 25.75 18.21 2.10
C ARG G 10 25.99 17.37 0.84
N ILE G 11 26.78 16.31 0.98
CA ILE G 11 27.05 15.43 -0.16
C ILE G 11 25.78 14.70 -0.60
N HIS G 12 24.97 14.24 0.36
CA HIS G 12 23.72 13.57 0.03
C HIS G 12 22.77 14.51 -0.70
N LYS G 13 22.66 15.75 -0.22
CA LYS G 13 21.80 16.73 -0.90
C LYS G 13 22.32 17.06 -2.30
N GLU G 14 23.64 17.16 -2.44
CA GLU G 14 24.22 17.38 -3.76
C GLU G 14 23.94 16.22 -4.70
N LEU G 15 24.02 14.99 -4.18
CA LEU G 15 23.70 13.82 -5.00
C LEU G 15 22.24 13.83 -5.43
N ASN G 16 21.33 14.19 -4.51
CA ASN G 16 19.92 14.29 -4.88
C ASN G 16 19.69 15.36 -5.95
N ASP G 17 20.35 16.52 -5.80
CA ASP G 17 20.22 17.58 -6.79
C ASP G 17 20.75 17.13 -8.15
N LEU G 18 21.87 16.41 -8.17
CA LEU G 18 22.39 15.86 -9.41
C LEU G 18 21.41 14.87 -10.03
N ALA G 19 20.77 14.05 -9.19
CA ALA G 19 19.84 13.05 -9.70
C ALA G 19 18.61 13.71 -10.32
N ARG G 20 18.10 14.77 -9.69
CA ARG G 20 16.87 15.40 -10.19
C ARG G 20 17.10 16.07 -11.54
N ASP G 21 18.18 16.86 -11.66
CA ASP G 21 18.48 17.60 -12.89
C ASP G 21 19.91 17.28 -13.30
N PRO G 22 20.14 16.14 -13.95
CA PRO G 22 21.49 15.79 -14.36
C PRO G 22 21.95 16.67 -15.51
N PRO G 23 23.24 16.90 -15.65
CA PRO G 23 23.75 17.60 -16.84
C PRO G 23 23.68 16.71 -18.07
N ALA G 24 23.31 17.31 -19.20
CA ALA G 24 23.18 16.54 -20.43
C ALA G 24 24.54 16.04 -20.92
N GLN G 25 25.62 16.71 -20.57
CA GLN G 25 26.95 16.38 -21.07
C GLN G 25 27.84 15.69 -20.06
N SER G 26 27.39 15.48 -18.83
CA SER G 26 28.26 14.90 -17.83
C SER G 26 27.42 14.20 -16.77
N SER G 27 28.08 13.34 -15.99
CA SER G 27 27.41 12.63 -14.90
C SER G 27 28.43 12.39 -13.79
N ALA G 28 27.91 12.11 -12.59
CA ALA G 28 28.77 11.84 -11.45
C ALA G 28 27.99 11.04 -10.40
N GLY G 29 28.72 10.41 -9.50
CA GLY G 29 28.10 9.69 -8.41
C GLY G 29 29.04 8.74 -7.72
N PRO G 30 28.65 8.25 -6.54
CA PRO G 30 29.48 7.27 -5.81
C PRO G 30 29.26 5.87 -6.34
N VAL G 31 30.34 5.22 -6.78
CA VAL G 31 30.26 3.86 -7.29
C VAL G 31 30.89 2.84 -6.34
N GLY G 32 31.89 3.24 -5.56
CA GLY G 32 32.47 2.35 -4.58
C GLY G 32 31.60 2.23 -3.35
N ASP G 33 32.19 1.65 -2.29
CA ASP G 33 31.51 1.51 -1.01
C ASP G 33 31.84 2.66 -0.05
N ASP G 34 32.18 3.82 -0.58
CA ASP G 34 32.55 4.98 0.22
C ASP G 34 32.03 6.25 -0.45
N MET G 35 31.35 7.10 0.33
CA MET G 35 30.75 8.30 -0.23
C MET G 35 31.78 9.38 -0.52
N PHE G 36 32.91 9.40 0.20
CA PHE G 36 33.92 10.43 -0.05
C PHE G 36 34.59 10.25 -1.41
N HIS G 37 34.47 9.07 -2.02
CA HIS G 37 35.01 8.79 -3.34
C HIS G 37 33.89 8.72 -4.36
N TRP G 38 33.87 9.66 -5.30
CA TRP G 38 32.94 9.68 -6.41
C TRP G 38 33.67 9.40 -7.72
N GLN G 39 32.91 8.95 -8.71
CA GLN G 39 33.36 8.75 -10.07
C GLN G 39 32.45 9.53 -11.00
N ALA G 40 33.03 10.10 -12.06
CA ALA G 40 32.29 10.98 -12.95
C ALA G 40 32.69 10.74 -14.40
N THR G 41 31.81 11.15 -15.30
CA THR G 41 32.04 11.07 -16.75
C THR G 41 31.81 12.45 -17.37
N ILE G 42 32.71 12.83 -18.26
CA ILE G 42 32.73 14.17 -18.83
C ILE G 42 32.28 14.22 -20.29
N MET G 43 32.59 13.18 -21.08
CA MET G 43 32.31 13.13 -22.52
C MET G 43 33.09 14.19 -23.28
N GLY G 44 33.01 14.18 -24.60
CA GLY G 44 33.78 15.08 -25.42
C GLY G 44 32.94 16.18 -26.06
N PRO G 45 33.41 17.43 -25.94
CA PRO G 45 32.70 18.54 -26.59
C PRO G 45 32.73 18.41 -28.10
N ASN G 46 31.66 18.86 -28.74
CA ASN G 46 31.56 18.79 -30.20
C ASN G 46 32.41 19.83 -30.90
N ASP G 47 32.79 20.91 -30.21
CA ASP G 47 33.60 21.98 -30.80
C ASP G 47 35.08 21.84 -30.48
N SER G 48 35.52 20.66 -30.05
CA SER G 48 36.88 20.42 -29.61
C SER G 48 37.45 19.20 -30.33
N PRO G 49 38.78 19.09 -30.39
CA PRO G 49 39.39 17.87 -30.96
C PRO G 49 39.22 16.64 -30.07
N TYR G 50 38.48 16.75 -28.96
CA TYR G 50 38.20 15.63 -28.08
C TYR G 50 36.84 15.00 -28.38
N GLN G 51 36.42 15.07 -29.64
CA GLN G 51 35.06 14.64 -30.00
C GLN G 51 34.89 13.14 -29.84
N GLY G 52 33.73 12.74 -29.32
CA GLY G 52 33.38 11.34 -29.16
C GLY G 52 33.99 10.64 -27.96
N GLY G 53 35.10 11.13 -27.42
CA GLY G 53 35.74 10.45 -26.31
C GLY G 53 34.99 10.64 -25.01
N VAL G 54 35.15 9.67 -24.12
CA VAL G 54 34.57 9.71 -22.78
C VAL G 54 35.70 9.63 -21.77
N PHE G 55 35.71 10.56 -20.82
CA PHE G 55 36.76 10.65 -19.81
C PHE G 55 36.19 10.33 -18.43
N PHE G 56 37.01 9.72 -17.59
CA PHE G 56 36.58 9.28 -16.27
C PHE G 56 37.29 10.07 -15.18
N LEU G 57 36.55 10.36 -14.10
CA LEU G 57 36.95 11.31 -13.07
C LEU G 57 36.85 10.66 -11.70
N THR G 58 37.83 10.93 -10.85
CA THR G 58 37.78 10.57 -9.44
C THR G 58 37.67 11.85 -8.61
N ILE G 59 36.76 11.83 -7.64
CA ILE G 59 36.49 13.00 -6.80
C ILE G 59 36.56 12.56 -5.35
N HIS G 60 37.60 13.01 -4.64
CA HIS G 60 37.74 12.78 -3.21
C HIS G 60 37.31 14.02 -2.45
N PHE G 61 36.41 13.85 -1.48
CA PHE G 61 35.85 15.01 -0.78
C PHE G 61 36.53 15.20 0.56
N PRO G 62 36.91 16.44 0.90
CA PRO G 62 37.52 16.69 2.21
C PRO G 62 36.55 16.42 3.34
N THR G 63 37.11 16.33 4.55
CA THR G 63 36.33 15.86 5.70
C THR G 63 35.22 16.83 6.09
N ASP G 64 35.42 18.13 5.89
CA ASP G 64 34.38 19.12 6.16
C ASP G 64 34.14 19.98 4.92
N TYR G 65 34.02 19.31 3.78
CA TYR G 65 33.50 19.93 2.57
C TYR G 65 32.14 20.58 2.88
N PRO G 66 31.83 21.74 2.27
CA PRO G 66 32.49 22.47 1.20
C PRO G 66 33.43 23.59 1.65
N PHE G 67 34.06 23.46 2.81
CA PHE G 67 34.97 24.51 3.26
C PHE G 67 36.28 24.46 2.47
N LYS G 68 36.70 23.28 2.03
CA LYS G 68 37.84 23.11 1.15
C LYS G 68 37.37 22.55 -0.20
N PRO G 69 38.12 22.81 -1.27
CA PRO G 69 37.74 22.24 -2.57
C PRO G 69 37.99 20.74 -2.60
N PRO G 70 37.27 20.00 -3.44
CA PRO G 70 37.50 18.55 -3.54
C PRO G 70 38.59 18.20 -4.54
N LYS G 71 39.28 17.11 -4.23
CA LYS G 71 40.32 16.57 -5.11
C LYS G 71 39.65 15.95 -6.34
N VAL G 72 39.64 16.67 -7.45
CA VAL G 72 39.09 16.19 -8.71
C VAL G 72 40.24 15.85 -9.63
N ALA G 73 40.25 14.63 -10.16
CA ALA G 73 41.37 14.15 -10.95
C ALA G 73 40.88 13.33 -12.14
N PHE G 74 41.54 13.53 -13.28
CA PHE G 74 41.32 12.68 -14.44
C PHE G 74 42.00 11.33 -14.25
N THR G 75 41.37 10.28 -14.77
CA THR G 75 41.99 8.96 -14.83
C THR G 75 42.38 8.56 -16.24
N THR G 76 41.57 8.92 -17.24
CA THR G 76 41.90 8.63 -18.62
C THR G 76 42.88 9.65 -19.16
N ARG G 77 43.83 9.18 -19.96
CA ARG G 77 44.84 10.06 -20.54
C ARG G 77 44.19 11.05 -21.49
N ILE G 78 44.63 12.31 -21.42
CA ILE G 78 44.07 13.38 -22.24
C ILE G 78 45.19 14.34 -22.63
N TYR G 79 45.11 14.85 -23.85
CA TYR G 79 46.09 15.81 -24.37
C TYR G 79 45.52 17.21 -24.13
N HIS G 80 46.03 17.90 -23.10
CA HIS G 80 45.51 19.20 -22.72
C HIS G 80 46.62 20.01 -22.05
N PRO G 81 46.80 21.27 -22.44
CA PRO G 81 47.82 22.10 -21.79
C PRO G 81 47.54 22.36 -20.32
N ASN G 82 46.29 22.27 -19.89
CA ASN G 82 45.91 22.55 -18.51
C ASN G 82 45.81 21.29 -17.66
N ILE G 83 46.19 20.14 -18.21
CA ILE G 83 46.12 18.86 -17.50
C ILE G 83 47.45 18.15 -17.67
N ASN G 84 48.07 17.76 -16.57
CA ASN G 84 49.40 17.16 -16.60
C ASN G 84 49.28 15.64 -16.76
N SER G 85 50.40 14.94 -16.60
CA SER G 85 50.39 13.48 -16.64
C SER G 85 49.57 12.87 -15.51
N ASN G 86 49.40 13.60 -14.42
CA ASN G 86 48.50 13.19 -13.36
C ASN G 86 47.08 13.64 -13.70
N GLY G 87 46.15 13.48 -12.77
CA GLY G 87 44.78 13.91 -12.99
C GLY G 87 44.50 15.36 -12.69
N SER G 88 45.52 16.13 -12.31
CA SER G 88 45.30 17.51 -11.87
C SER G 88 44.76 18.38 -13.01
N ILE G 89 43.86 19.29 -12.64
CA ILE G 89 43.25 20.23 -13.57
C ILE G 89 43.49 21.64 -13.05
N CYS G 90 43.73 22.57 -13.98
CA CYS G 90 44.02 23.97 -13.63
C CYS G 90 42.74 24.78 -13.78
N LEU G 91 41.95 24.80 -12.71
CA LEU G 91 40.77 25.67 -12.60
C LEU G 91 40.89 26.48 -11.32
N ASP G 92 40.76 27.80 -11.43
CA ASP G 92 40.91 28.66 -10.26
C ASP G 92 39.91 28.30 -9.17
N ILE G 93 38.69 27.92 -9.56
CA ILE G 93 37.70 27.49 -8.57
C ILE G 93 38.13 26.19 -7.89
N LEU G 94 39.01 25.41 -8.51
CA LEU G 94 39.42 24.14 -7.95
C LEU G 94 40.65 24.23 -7.05
N ARG G 95 41.44 25.29 -7.18
CA ARG G 95 42.69 25.41 -6.43
C ARG G 95 42.68 26.55 -5.41
N SER G 96 42.36 27.77 -5.84
CA SER G 96 42.47 28.93 -4.95
C SER G 96 41.14 29.62 -4.71
N GLN G 97 40.37 29.90 -5.76
CA GLN G 97 39.14 30.68 -5.63
C GLN G 97 37.94 29.75 -5.47
N TRP G 98 37.91 29.05 -4.34
CA TRP G 98 36.83 28.15 -3.99
C TRP G 98 35.99 28.77 -2.88
N SER G 99 34.68 28.79 -3.08
CA SER G 99 33.73 29.23 -2.07
C SER G 99 32.73 28.11 -1.80
N PRO G 100 32.12 28.08 -0.61
CA PRO G 100 31.26 26.93 -0.27
C PRO G 100 30.02 26.78 -1.14
N ALA G 101 29.67 27.79 -1.94
CA ALA G 101 28.50 27.69 -2.80
C ALA G 101 28.74 26.91 -4.08
N LEU G 102 29.99 26.61 -4.41
CA LEU G 102 30.27 25.76 -5.57
C LEU G 102 29.76 24.35 -5.30
N THR G 103 29.20 23.74 -6.35
CA THR G 103 28.74 22.36 -6.28
C THR G 103 29.43 21.54 -7.37
N ILE G 104 29.14 20.23 -7.37
CA ILE G 104 29.75 19.32 -8.34
C ILE G 104 29.33 19.68 -9.76
N SER G 105 28.06 20.03 -9.96
CA SER G 105 27.57 20.36 -11.29
C SER G 105 28.34 21.53 -11.90
N LYS G 106 28.59 22.57 -11.10
CA LYS G 106 29.34 23.71 -11.60
C LYS G 106 30.78 23.34 -11.91
N VAL G 107 31.38 22.46 -11.10
CA VAL G 107 32.74 21.99 -11.38
C VAL G 107 32.78 21.24 -12.71
N LEU G 108 31.80 20.37 -12.95
CA LEU G 108 31.75 19.63 -14.21
C LEU G 108 31.53 20.58 -15.38
N LEU G 109 30.69 21.58 -15.20
CA LEU G 109 30.47 22.57 -16.25
C LEU G 109 31.74 23.34 -16.56
N SER G 110 32.51 23.70 -15.54
CA SER G 110 33.77 24.41 -15.75
C SER G 110 34.81 23.53 -16.42
N ILE G 111 34.85 22.24 -16.05
CA ILE G 111 35.77 21.32 -16.73
C ILE G 111 35.40 21.19 -18.21
N SER G 112 34.09 21.10 -18.50
CA SER G 112 33.65 21.07 -19.90
C SER G 112 34.05 22.34 -20.63
N SER G 113 33.84 23.50 -20.00
CA SER G 113 34.21 24.78 -20.60
C SER G 113 35.72 24.98 -20.64
N LEU G 114 36.50 24.13 -19.98
CA LEU G 114 37.95 24.14 -20.11
C LEU G 114 38.42 23.21 -21.22
N LEU G 115 37.74 22.08 -21.43
CA LEU G 115 38.07 21.23 -22.58
C LEU G 115 37.93 22.01 -23.87
N SER G 116 36.89 22.82 -23.98
CA SER G 116 36.82 23.85 -25.01
C SER G 116 37.58 25.08 -24.54
N ASP G 117 38.17 25.80 -25.50
CA ASP G 117 38.98 26.97 -25.23
C ASP G 117 40.07 26.68 -24.20
N PRO G 118 41.07 25.88 -24.52
CA PRO G 118 42.19 25.70 -23.59
C PRO G 118 42.96 27.00 -23.41
N ASN G 119 43.53 27.17 -22.22
CA ASN G 119 44.25 28.39 -21.91
C ASN G 119 45.75 28.14 -21.94
N PRO G 120 46.47 28.58 -22.97
CA PRO G 120 47.91 28.33 -23.02
C PRO G 120 48.69 29.16 -22.02
N ASP G 121 48.13 30.24 -21.51
CA ASP G 121 48.78 31.07 -20.50
C ASP G 121 48.61 30.51 -19.08
N ASP G 122 47.87 29.42 -18.91
CA ASP G 122 47.71 28.75 -17.63
C ASP G 122 48.04 27.27 -17.78
N PRO G 123 49.30 26.95 -18.10
CA PRO G 123 49.66 25.56 -18.40
C PRO G 123 50.16 24.78 -17.20
N LEU G 124 49.74 23.52 -17.12
CA LEU G 124 50.42 22.57 -16.25
C LEU G 124 51.47 21.75 -17.00
N VAL G 125 51.39 21.71 -18.33
CA VAL G 125 52.45 21.18 -19.17
C VAL G 125 52.85 22.26 -20.16
N PRO G 126 54.06 22.82 -20.04
CA PRO G 126 54.42 23.96 -20.90
C PRO G 126 54.63 23.59 -22.36
N GLU G 127 55.13 22.39 -22.64
CA GLU G 127 55.41 22.02 -24.03
C GLU G 127 54.12 21.94 -24.84
N ILE G 128 53.08 21.34 -24.27
CA ILE G 128 51.80 21.25 -24.97
C ILE G 128 51.20 22.65 -25.16
N ALA G 129 51.39 23.54 -24.18
CA ALA G 129 50.91 24.91 -24.33
C ALA G 129 51.64 25.62 -25.48
N ARG G 130 52.95 25.43 -25.58
CA ARG G 130 53.70 26.04 -26.68
C ARG G 130 53.24 25.48 -28.03
N ILE G 131 53.03 24.16 -28.11
CA ILE G 131 52.52 23.58 -29.35
C ILE G 131 51.15 24.16 -29.68
N TYR G 132 50.31 24.34 -28.66
CA TYR G 132 48.97 24.91 -28.88
C TYR G 132 49.03 26.34 -29.39
N LYS G 133 49.89 27.17 -28.80
CA LYS G 133 49.92 28.59 -29.15
C LYS G 133 50.85 28.91 -30.32
N THR G 134 51.61 27.94 -30.82
CA THR G 134 52.43 28.18 -32.00
C THR G 134 51.67 27.86 -33.29
N ASP G 135 50.96 26.73 -33.32
CA ASP G 135 50.14 26.36 -34.46
C ASP G 135 49.13 25.32 -34.01
N ARG G 136 47.85 25.57 -34.29
CA ARG G 136 46.79 24.71 -33.76
C ARG G 136 46.87 23.30 -34.34
N GLU G 137 47.07 23.19 -35.66
CA GLU G 137 46.93 21.92 -36.38
C GLU G 137 47.59 20.74 -35.65
N LYS G 138 48.82 20.94 -35.19
CA LYS G 138 49.49 19.88 -34.43
C LYS G 138 48.72 19.49 -33.19
N TYR G 139 48.34 20.49 -32.38
CA TYR G 139 47.57 20.22 -31.17
C TYR G 139 46.27 19.49 -31.49
N ASN G 140 45.56 19.94 -32.53
CA ASN G 140 44.32 19.28 -32.94
C ASN G 140 44.57 17.82 -33.26
N ARG G 141 45.57 17.52 -34.10
CA ARG G 141 45.84 16.14 -34.48
C ARG G 141 46.19 15.28 -33.28
N ILE G 142 47.05 15.79 -32.39
CA ILE G 142 47.50 14.98 -31.27
C ILE G 142 46.37 14.76 -30.27
N ALA G 143 45.54 15.78 -30.04
CA ALA G 143 44.36 15.59 -29.20
C ALA G 143 43.41 14.58 -29.81
N ARG G 144 43.22 14.62 -31.13
CA ARG G 144 42.39 13.64 -31.82
C ARG G 144 42.91 12.23 -31.56
N GLU G 145 44.20 12.00 -31.74
CA GLU G 145 44.73 10.65 -31.58
C GLU G 145 44.67 10.20 -30.12
N TRP G 146 44.92 11.12 -29.19
CA TRP G 146 44.87 10.76 -27.77
C TRP G 146 43.46 10.37 -27.35
N THR G 147 42.46 11.19 -27.70
CA THR G 147 41.08 10.82 -27.37
C THR G 147 40.61 9.62 -28.16
N GLN G 148 41.21 9.35 -29.32
CA GLN G 148 40.83 8.18 -30.11
C GLN G 148 41.30 6.89 -29.46
N LYS G 149 42.56 6.85 -29.02
CA LYS G 149 43.13 5.60 -28.53
C LYS G 149 43.09 5.46 -27.01
N TYR G 150 42.78 6.53 -26.28
CA TYR G 150 42.63 6.44 -24.83
C TYR G 150 41.19 6.53 -24.36
N ALA G 151 40.29 7.10 -25.16
CA ALA G 151 38.88 7.22 -24.79
C ALA G 151 37.97 6.62 -25.86
N LYS H 11 27.87 6.60 17.41
CA LYS H 11 28.18 7.82 16.67
C LYS H 11 28.77 7.49 15.31
N MET H 12 27.89 7.34 14.32
CA MET H 12 28.32 6.88 13.01
C MET H 12 27.23 7.17 12.00
N HIS H 13 27.62 7.66 10.81
CA HIS H 13 26.68 7.96 9.74
C HIS H 13 27.04 7.10 8.53
N ILE H 14 26.16 6.17 8.16
CA ILE H 14 26.37 5.33 7.00
C ILE H 14 25.21 5.54 6.03
N PHE H 15 25.42 5.10 4.79
CA PHE H 15 24.43 5.24 3.73
C PHE H 15 24.19 3.90 3.05
N VAL H 16 22.94 3.63 2.72
CA VAL H 16 22.54 2.40 2.03
C VAL H 16 22.13 2.77 0.61
N ARG H 17 22.81 2.19 -0.37
CA ARG H 17 22.47 2.35 -1.78
C ARG H 17 21.45 1.31 -2.18
N THR H 18 20.33 1.77 -2.72
CA THR H 18 19.24 0.89 -3.13
C THR H 18 19.31 0.62 -4.63
N LEU H 19 18.60 -0.43 -5.05
CA LEU H 19 18.54 -0.78 -6.46
C LEU H 19 17.77 0.22 -7.31
N THR H 20 16.99 1.11 -6.68
CA THR H 20 16.25 2.12 -7.43
C THR H 20 17.01 3.43 -7.58
N GLY H 21 18.18 3.56 -6.96
CA GLY H 21 19.02 4.72 -7.10
C GLY H 21 19.08 5.62 -5.88
N THR H 22 18.05 5.60 -5.03
CA THR H 22 18.06 6.45 -3.85
C THR H 22 19.06 5.94 -2.83
N TYR H 23 19.50 6.85 -1.95
CA TYR H 23 20.45 6.53 -0.89
C TYR H 23 19.79 6.85 0.45
N ILE H 24 19.70 5.83 1.30
CA ILE H 24 19.03 5.94 2.59
C ILE H 24 20.08 6.30 3.63
N PRO H 25 19.98 7.44 4.31
CA PRO H 25 20.92 7.75 5.39
C PRO H 25 20.51 7.11 6.70
N LEU H 26 21.49 6.54 7.40
CA LEU H 26 21.26 5.89 8.69
C LEU H 26 22.31 6.33 9.68
N GLU H 27 21.88 6.48 10.93
CA GLU H 27 22.77 6.77 12.05
C GLU H 27 22.91 5.50 12.88
N VAL H 28 24.11 4.92 12.85
CA VAL H 28 24.39 3.67 13.54
C VAL H 28 25.69 3.82 14.31
N GLU H 29 26.04 2.78 15.05
CA GLU H 29 27.31 2.64 15.74
C GLU H 29 27.87 1.26 15.44
N PRO H 30 29.20 1.09 15.51
CA PRO H 30 29.80 -0.20 15.13
C PRO H 30 29.34 -1.37 15.98
N SER H 31 28.79 -1.11 17.17
CA SER H 31 28.35 -2.18 18.05
C SER H 31 27.02 -2.81 17.62
N ASP H 32 26.28 -2.18 16.70
CA ASP H 32 25.04 -2.77 16.22
C ASP H 32 25.35 -3.99 15.36
N THR H 33 24.28 -4.68 14.94
CA THR H 33 24.41 -5.85 14.09
C THR H 33 23.63 -5.63 12.80
N ILE H 34 23.84 -6.53 11.83
CA ILE H 34 23.17 -6.40 10.54
C ILE H 34 21.67 -6.60 10.68
N GLU H 35 21.25 -7.44 11.62
CA GLU H 35 19.82 -7.55 11.93
C GLU H 35 19.24 -6.21 12.38
N ASN H 36 19.98 -5.48 13.23
CA ASN H 36 19.52 -4.17 13.65
C ASN H 36 19.46 -3.18 12.49
N VAL H 37 20.43 -3.26 11.57
CA VAL H 37 20.42 -2.39 10.40
C VAL H 37 19.19 -2.69 9.53
N LYS H 38 18.89 -3.98 9.33
CA LYS H 38 17.71 -4.35 8.56
C LYS H 38 16.43 -3.88 9.25
N ALA H 39 16.40 -3.97 10.59
CA ALA H 39 15.23 -3.47 11.33
C ALA H 39 15.09 -1.96 11.19
N LYS H 40 16.21 -1.24 11.19
CA LYS H 40 16.17 0.21 10.96
C LYS H 40 15.64 0.52 9.58
N ILE H 41 16.09 -0.21 8.56
CA ILE H 41 15.62 0.02 7.21
C ILE H 41 14.13 -0.32 7.09
N GLN H 42 13.66 -1.32 7.84
CA GLN H 42 12.22 -1.58 7.88
C GLN H 42 11.48 -0.42 8.52
N ASP H 43 11.99 0.08 9.64
CA ASP H 43 11.34 1.19 10.34
C ASP H 43 11.27 2.43 9.46
N LYS H 44 12.26 2.63 8.60
CA LYS H 44 12.27 3.82 7.76
C LYS H 44 11.45 3.62 6.48
N GLU H 45 11.77 2.58 5.71
CA GLU H 45 11.18 2.37 4.39
C GLU H 45 10.23 1.18 4.31
N GLY H 46 9.98 0.49 5.41
CA GLY H 46 8.98 -0.55 5.42
C GLY H 46 9.36 -1.88 4.79
N ILE H 47 10.61 -2.05 4.36
CA ILE H 47 11.01 -3.30 3.71
C ILE H 47 11.21 -4.38 4.78
N PRO H 48 10.56 -5.54 4.64
CA PRO H 48 10.72 -6.59 5.65
C PRO H 48 12.15 -7.06 5.71
N PRO H 49 12.62 -7.49 6.89
CA PRO H 49 14.03 -7.91 7.01
C PRO H 49 14.37 -9.15 6.19
N ASP H 50 13.44 -10.11 6.10
CA ASP H 50 13.73 -11.35 5.39
C ASP H 50 13.86 -11.11 3.89
N GLN H 51 13.23 -10.08 3.36
CA GLN H 51 13.34 -9.73 1.96
C GLN H 51 14.55 -8.86 1.65
N GLN H 52 15.32 -8.46 2.66
CA GLN H 52 16.50 -7.64 2.48
C GLN H 52 17.75 -8.51 2.41
N ARG H 53 18.68 -8.12 1.53
CA ARG H 53 20.02 -8.68 1.57
C ARG H 53 21.02 -7.53 1.42
N LEU H 54 21.95 -7.44 2.36
CA LEU H 54 22.93 -6.36 2.38
C LEU H 54 24.27 -6.85 1.83
N ILE H 55 24.99 -5.92 1.21
CA ILE H 55 26.24 -6.20 0.51
C ILE H 55 27.24 -5.10 0.86
N PHE H 56 28.47 -5.49 1.16
CA PHE H 56 29.54 -4.53 1.41
C PHE H 56 30.85 -5.15 0.96
N ALA H 57 31.59 -4.40 0.14
CA ALA H 57 32.88 -4.84 -0.41
C ALA H 57 32.75 -6.16 -1.16
N GLY H 58 31.60 -6.40 -1.78
CA GLY H 58 31.38 -7.62 -2.52
C GLY H 58 31.03 -8.83 -1.70
N ASN H 59 30.65 -8.66 -0.44
CA ASN H 59 30.30 -9.77 0.43
C ASN H 59 28.91 -9.53 1.03
N GLN H 60 28.12 -10.59 1.09
CA GLN H 60 26.82 -10.50 1.76
C GLN H 60 27.04 -10.45 3.27
N LEU H 61 26.21 -9.66 3.95
CA LEU H 61 26.38 -9.37 5.37
C LEU H 61 25.49 -10.31 6.18
N GLU H 62 26.13 -11.15 6.99
CA GLU H 62 25.38 -12.08 7.84
C GLU H 62 24.68 -11.32 8.96
N ASP H 63 23.46 -11.74 9.28
CA ASP H 63 22.64 -11.00 10.24
C ASP H 63 23.27 -10.96 11.63
N GLY H 64 23.90 -12.07 12.04
CA GLY H 64 24.40 -12.17 13.39
C GLY H 64 25.69 -11.44 13.68
N ARG H 65 26.33 -10.87 12.66
CA ARG H 65 27.61 -10.19 12.84
C ARG H 65 27.41 -8.68 12.90
N THR H 66 28.44 -7.98 13.37
CA THR H 66 28.37 -6.56 13.64
C THR H 66 29.04 -5.76 12.52
N LEU H 67 28.76 -4.45 12.51
CA LEU H 67 29.30 -3.58 11.47
C LEU H 67 30.82 -3.48 11.55
N SER H 68 31.36 -3.38 12.77
CA SER H 68 32.80 -3.25 12.93
C SER H 68 33.53 -4.49 12.42
N ASP H 69 32.87 -5.65 12.42
CA ASP H 69 33.46 -6.85 11.81
C ASP H 69 33.73 -6.65 10.33
N TYR H 70 32.94 -5.82 9.65
CA TYR H 70 33.09 -5.57 8.23
C TYR H 70 33.85 -4.27 7.96
N ASN H 71 34.49 -3.68 8.97
CA ASN H 71 35.28 -2.46 8.82
C ASN H 71 34.44 -1.32 8.23
N ILE H 72 33.19 -1.21 8.68
CA ILE H 72 32.34 -0.11 8.24
C ILE H 72 32.95 1.21 8.71
N LYS H 73 32.88 2.23 7.86
CA LYS H 73 33.35 3.56 8.18
C LYS H 73 32.22 4.55 7.94
N THR H 74 32.39 5.77 8.48
CA THR H 74 31.42 6.83 8.23
C THR H 74 31.41 7.18 6.75
N GLY H 75 30.21 7.26 6.18
CA GLY H 75 30.07 7.48 4.75
C GLY H 75 30.19 6.23 3.90
N SER H 76 30.22 5.05 4.51
CA SER H 76 30.29 3.81 3.75
C SER H 76 28.98 3.54 3.04
N ILE H 77 29.07 2.91 1.88
CA ILE H 77 27.91 2.56 1.08
C ILE H 77 27.63 1.08 1.23
N LEU H 78 26.42 0.74 1.69
CA LEU H 78 25.98 -0.63 1.81
C LEU H 78 24.89 -0.89 0.78
N THR H 79 25.13 -1.85 -0.12
CA THR H 79 24.18 -2.14 -1.19
C THR H 79 23.04 -2.99 -0.67
N LEU H 80 21.81 -2.55 -0.88
CA LEU H 80 20.62 -3.29 -0.50
C LEU H 80 19.99 -3.90 -1.75
N VAL H 81 19.73 -5.20 -1.70
CA VAL H 81 18.99 -5.88 -2.76
C VAL H 81 17.71 -6.45 -2.15
N TRP H 82 16.60 -6.26 -2.86
CA TRP H 82 15.28 -6.59 -2.37
C TRP H 82 14.66 -7.62 -3.30
N SER H 83 14.40 -8.82 -2.76
CA SER H 83 13.80 -9.90 -3.53
C SER H 83 12.90 -10.71 -2.59
N LEU H 84 12.39 -11.82 -3.10
CA LEU H 84 11.55 -12.71 -2.30
C LEU H 84 12.16 -14.11 -2.24
#